data_7ZDU
#
_entry.id   7ZDU
#
loop_
_entity.id
_entity.type
_entity.pdbx_description
1 polymer 'ATP-binding/permease protein CydC'
2 polymer 'ATP-binding/permease protein CydD'
3 non-polymer 'MAGNESIUM ION'
4 non-polymer "ADENOSINE-5'-TRIPHOSPHATE"
#
loop_
_entity_poly.entity_id
_entity_poly.type
_entity_poly.pdbx_seq_one_letter_code
_entity_poly.pdbx_strand_id
1 'polypeptide(L)'
;MRALLPYLALYKRHKWMLSLGIVLAIVTLLASIGLLTLSGWFLSASAVAGVAGLYSFNYMLPAAGVRGAAITRTAGRYFE
RLVSHDATFRVLQHLRIYTFSKLLPLSPAGLARYRQGELLNRVVADVDTLDHLYLRVISPLVGAFVVIMVVTIGLSFLDF
TLAFTLGGIMLLTLFLMPPLFYRAGKSTGQNLTHLRGQYRQQLTAWLQGQAELTIFGASDRYRTQLENTEIQWLEAQRRQ
SELTALSQAIMLLIGALAVILMLWMASGGVGGNAQPGALIALFVFCALAAFEALAPVTGAFQHLGQVIASAVRISDLTDQ
KPEVTFPDTQTRVADRVSLTLRDVQFTYPEQSQQALKGISLQVNAGEHIAILGRTGCGKSTLLQQLTRAWDPQQGEILLN
DSPIASLNEAALRQTISVVPQRVHLFSATLRDNLLLASPGSSDEALSEILRRVGLEKLLEDAGLNSWLGEGGRQLSGGEL
RRLAIARALLHDAPLVLLDQPTEGLDATTESQILELLAEMMREKTVLMVTHRLRGLSRFQQIIVMDNGQIIEQGTHAELL
ARQGRYYQFKQGL
;
C
2 'polypeptide(L)'
;MNKSRQKELTRWLKQQSVISQRWLNISRLLGFVSGILIIAQAWFMARILQHMIMENIPREALLLPFTLLVLTFVLRAWVV
WLRERVGYHAGQHIRFAIRRQVLDRLQQAGPAWIQGKPAGSWATLVLEQIDDMHDYYARYLPQMALAVSVPLLIVVAIFP
SNWAAALILLGTAPLIPLFMALVGMGAADANRRNFLALARLSGHFLDRLRGMETLRIFGRGEAEIESIRSASEDFRQRTM
EVLRLAFLSSGILEFFTSLSIALVAVYFGFSYLGELDFGHYDTGVTLAAGFLALILAPEFFQPLRDLGTFYHAKAQAVGA
ADSLKTFMETPLAHPQRGEAELASTDPVTIEAEELFITSPEGKTLAGPLNFTLPAGQRAVLVGRSGSGKSSLLNALSGFL
SYQGSLRINGIELRDLSPESWRKHLSWVGQNPQLPAATLRDNVLLARPDASEQELQAALDNAWVSEFLPLLPQGVDTPVG
DQAARLSVGQAQRVAVARALLNPCSLLLLDEPAASLDAHSEQRVMEALNAASLRQTTLMVTHQLEDLADWDVIWVMQDGR
IIEQGRYAELSVAGGPFATLLAHRQEEI
;
D
#
loop_
_chem_comp.id
_chem_comp.type
_chem_comp.name
_chem_comp.formula
ATP non-polymer ADENOSINE-5'-TRIPHOSPHATE 'C10 H16 N5 O13 P3'
MG non-polymer 'MAGNESIUM ION' 'Mg 2'
#
# COMPACT_ATOMS: atom_id res chain seq x y z
N MET A 1 11.32 -22.77 3.91
CA MET A 1 10.18 -23.65 3.66
C MET A 1 9.49 -24.01 4.96
N ARG A 2 10.29 -24.13 6.03
CA ARG A 2 9.75 -24.43 7.35
C ARG A 2 9.14 -23.21 8.01
N ALA A 3 9.31 -22.02 7.43
CA ALA A 3 8.68 -20.81 7.95
C ALA A 3 7.18 -20.81 7.76
N LEU A 4 6.63 -21.69 6.94
CA LEU A 4 5.20 -21.76 6.70
C LEU A 4 4.46 -22.54 7.78
N LEU A 5 5.17 -23.20 8.69
CA LEU A 5 4.50 -23.98 9.73
C LEU A 5 3.60 -23.15 10.64
N PRO A 6 4.00 -21.98 11.14
CA PRO A 6 3.06 -21.20 11.97
C PRO A 6 1.79 -20.82 11.24
N TYR A 7 1.83 -20.72 9.91
CA TYR A 7 0.68 -20.28 9.14
C TYR A 7 -0.14 -21.43 8.57
N LEU A 8 0.41 -22.65 8.53
CA LEU A 8 -0.40 -23.82 8.26
C LEU A 8 -1.28 -24.19 9.44
N ALA A 9 -1.02 -23.65 10.62
CA ALA A 9 -1.89 -23.87 11.77
C ALA A 9 -3.17 -23.05 11.70
N LEU A 10 -3.18 -21.99 10.91
CA LEU A 10 -4.41 -21.23 10.67
C LEU A 10 -5.38 -21.98 9.76
N TYR A 11 -4.91 -23.02 9.08
CA TYR A 11 -5.80 -23.88 8.30
C TYR A 11 -6.82 -24.58 9.19
N LYS A 12 -6.54 -24.66 10.49
CA LYS A 12 -7.38 -25.44 11.38
C LYS A 12 -8.69 -24.74 11.69
N ARG A 13 -8.67 -23.41 11.80
CA ARG A 13 -9.90 -22.71 12.17
C ARG A 13 -10.94 -22.68 11.06
N HIS A 14 -10.57 -23.08 9.84
CA HIS A 14 -11.50 -23.20 8.73
C HIS A 14 -11.30 -24.54 8.02
N LYS A 15 -11.12 -25.60 8.80
CA LYS A 15 -10.77 -26.89 8.21
C LYS A 15 -11.91 -27.51 7.43
N TRP A 16 -13.14 -27.01 7.62
CA TRP A 16 -14.28 -27.62 6.93
C TRP A 16 -14.46 -27.03 5.54
N MET A 17 -14.44 -25.70 5.43
CA MET A 17 -14.56 -25.09 4.11
C MET A 17 -13.28 -25.23 3.29
N LEU A 18 -12.12 -25.12 3.94
CA LEU A 18 -10.87 -25.23 3.20
C LEU A 18 -10.68 -26.64 2.65
N SER A 19 -11.12 -27.66 3.38
CA SER A 19 -11.08 -29.02 2.86
C SER A 19 -12.21 -29.28 1.88
N LEU A 20 -13.34 -28.59 2.03
CA LEU A 20 -14.42 -28.73 1.04
C LEU A 20 -14.02 -28.11 -0.28
N GLY A 21 -13.28 -27.01 -0.25
CA GLY A 21 -12.78 -26.41 -1.48
C GLY A 21 -11.74 -27.25 -2.20
N ILE A 22 -11.25 -28.30 -1.54
CA ILE A 22 -10.33 -29.24 -2.17
C ILE A 22 -11.07 -30.45 -2.72
N VAL A 23 -12.08 -30.93 -2.00
CA VAL A 23 -12.89 -32.04 -2.51
C VAL A 23 -13.62 -31.63 -3.77
N LEU A 24 -14.16 -30.40 -3.80
CA LEU A 24 -14.84 -29.91 -4.98
C LEU A 24 -13.87 -29.62 -6.12
N ALA A 25 -12.59 -29.42 -5.83
CA ALA A 25 -11.61 -29.27 -6.90
C ALA A 25 -11.31 -30.62 -7.56
N ILE A 26 -11.20 -31.68 -6.75
CA ILE A 26 -11.00 -33.01 -7.30
C ILE A 26 -12.20 -33.45 -8.12
N VAL A 27 -13.41 -33.16 -7.62
CA VAL A 27 -14.63 -33.54 -8.33
C VAL A 27 -14.71 -32.85 -9.68
N THR A 28 -14.38 -31.56 -9.72
CA THR A 28 -14.41 -30.83 -10.98
C THR A 28 -13.44 -31.39 -11.99
N LEU A 29 -12.21 -31.68 -11.54
CA LEU A 29 -11.20 -32.21 -12.46
C LEU A 29 -11.56 -33.62 -12.94
N LEU A 30 -12.15 -34.43 -12.08
CA LEU A 30 -12.57 -35.76 -12.49
C LEU A 30 -13.71 -35.69 -13.50
N ALA A 31 -14.62 -34.72 -13.32
CA ALA A 31 -15.69 -34.54 -14.30
C ALA A 31 -15.17 -33.88 -15.57
N SER A 32 -14.22 -32.95 -15.43
CA SER A 32 -13.63 -32.32 -16.61
C SER A 32 -12.86 -33.33 -17.45
N ILE A 33 -12.08 -34.19 -16.79
CA ILE A 33 -11.36 -35.23 -17.51
C ILE A 33 -12.32 -36.27 -18.06
N GLY A 34 -13.33 -36.63 -17.28
CA GLY A 34 -14.29 -37.63 -17.74
C GLY A 34 -15.06 -37.20 -18.96
N LEU A 35 -15.38 -35.92 -19.06
CA LEU A 35 -16.16 -35.44 -20.21
C LEU A 35 -15.42 -35.69 -21.52
N LEU A 36 -14.13 -35.34 -21.56
CA LEU A 36 -13.34 -35.59 -22.77
C LEU A 36 -13.02 -37.07 -22.93
N THR A 37 -12.69 -37.74 -21.83
CA THR A 37 -12.35 -39.16 -21.89
C THR A 37 -13.55 -39.99 -22.36
N LEU A 38 -14.74 -39.70 -21.83
CA LEU A 38 -15.93 -40.45 -22.24
C LEU A 38 -16.35 -40.09 -23.66
N SER A 39 -16.29 -38.80 -24.01
CA SER A 39 -16.67 -38.38 -25.35
C SER A 39 -15.74 -38.99 -26.40
N GLY A 40 -14.44 -39.04 -26.11
CA GLY A 40 -13.50 -39.62 -27.05
C GLY A 40 -13.75 -41.09 -27.31
N TRP A 41 -14.05 -41.85 -26.25
CA TRP A 41 -14.34 -43.26 -26.43
C TRP A 41 -15.70 -43.47 -27.08
N PHE A 42 -16.67 -42.61 -26.77
CA PHE A 42 -18.03 -42.81 -27.28
C PHE A 42 -18.04 -42.73 -28.80
N LEU A 43 -17.36 -41.76 -29.39
CA LEU A 43 -17.32 -41.65 -30.85
C LEU A 43 -16.65 -42.87 -31.47
N SER A 44 -15.50 -43.28 -30.93
CA SER A 44 -14.79 -44.42 -31.50
C SER A 44 -15.58 -45.71 -31.32
N ALA A 45 -16.19 -45.91 -30.15
CA ALA A 45 -17.00 -47.11 -29.95
C ALA A 45 -18.23 -47.10 -30.85
N SER A 46 -18.83 -45.93 -31.03
CA SER A 46 -19.95 -45.81 -31.96
C SER A 46 -19.51 -46.08 -33.39
N ALA A 47 -18.35 -45.58 -33.78
CA ALA A 47 -17.87 -45.76 -35.14
C ALA A 47 -17.58 -47.22 -35.45
N VAL A 48 -16.98 -47.94 -34.50
CA VAL A 48 -16.73 -49.36 -34.70
C VAL A 48 -18.06 -50.12 -34.82
N ALA A 49 -19.03 -49.75 -33.99
CA ALA A 49 -20.33 -50.41 -34.03
C ALA A 49 -21.01 -50.22 -35.37
N GLY A 50 -20.97 -49.00 -35.91
CA GLY A 50 -21.58 -48.75 -37.19
C GLY A 50 -23.10 -48.76 -37.13
N VAL A 51 -23.70 -48.75 -38.33
CA VAL A 51 -25.15 -48.77 -38.43
C VAL A 51 -25.69 -50.12 -37.97
N ALA A 52 -24.99 -51.21 -38.28
CA ALA A 52 -25.49 -52.54 -37.97
C ALA A 52 -25.64 -52.74 -36.46
N GLY A 53 -24.67 -52.30 -35.68
CA GLY A 53 -24.70 -52.51 -34.24
C GLY A 53 -25.51 -51.45 -33.50
N LEU A 54 -26.60 -50.98 -34.11
CA LEU A 54 -27.43 -49.96 -33.48
C LEU A 54 -28.04 -50.48 -32.17
N TYR A 55 -28.70 -51.63 -32.23
CA TYR A 55 -29.45 -52.12 -31.08
C TYR A 55 -28.53 -52.79 -30.05
N SER A 56 -27.51 -53.51 -30.51
CA SER A 56 -26.63 -54.21 -29.58
C SER A 56 -25.83 -53.22 -28.73
N PHE A 57 -25.33 -52.15 -29.34
CA PHE A 57 -24.53 -51.17 -28.62
C PHE A 57 -25.44 -50.25 -27.80
N ASN A 58 -25.19 -50.17 -26.50
CA ASN A 58 -25.98 -49.34 -25.60
C ASN A 58 -25.51 -47.90 -25.74
N TYR A 59 -26.35 -47.04 -26.31
CA TYR A 59 -25.99 -45.67 -26.64
C TYR A 59 -26.74 -44.63 -25.80
N MET A 60 -27.47 -45.06 -24.78
CA MET A 60 -28.13 -44.13 -23.86
C MET A 60 -27.31 -43.85 -22.61
N LEU A 61 -26.69 -44.86 -22.02
CA LEU A 61 -25.87 -44.63 -20.83
C LEU A 61 -24.68 -43.72 -21.11
N PRO A 62 -23.86 -43.93 -22.14
CA PRO A 62 -22.78 -42.96 -22.42
C PRO A 62 -23.30 -41.57 -22.76
N ALA A 63 -24.47 -41.49 -23.38
CA ALA A 63 -25.03 -40.18 -23.72
C ALA A 63 -25.39 -39.39 -22.46
N ALA A 64 -25.84 -40.09 -21.42
CA ALA A 64 -26.12 -39.42 -20.15
C ALA A 64 -24.83 -39.09 -19.40
N GLY A 65 -23.78 -39.88 -19.60
CA GLY A 65 -22.53 -39.61 -18.91
C GLY A 65 -21.88 -38.31 -19.36
N VAL A 66 -21.90 -38.03 -20.66
CA VAL A 66 -21.31 -36.78 -21.15
C VAL A 66 -22.15 -35.58 -20.73
N ARG A 67 -23.46 -35.76 -20.60
CA ARG A 67 -24.31 -34.66 -20.14
C ARG A 67 -24.13 -34.43 -18.64
N GLY A 68 -24.05 -35.52 -17.86
CA GLY A 68 -23.83 -35.37 -16.43
C GLY A 68 -22.48 -34.79 -16.10
N ALA A 69 -21.44 -35.23 -16.79
CA ALA A 69 -20.09 -34.71 -16.54
C ALA A 69 -19.95 -33.26 -16.98
N ALA A 70 -20.80 -32.79 -17.91
CA ALA A 70 -20.73 -31.41 -18.35
C ALA A 70 -21.32 -30.45 -17.33
N ILE A 71 -22.23 -30.93 -16.48
CA ILE A 71 -22.81 -30.08 -15.44
C ILE A 71 -22.00 -30.13 -14.16
N THR A 72 -21.46 -31.30 -13.82
CA THR A 72 -20.55 -31.39 -12.69
C THR A 72 -19.31 -30.54 -12.92
N ARG A 73 -18.86 -30.47 -14.18
CA ARG A 73 -17.69 -29.66 -14.51
C ARG A 73 -17.94 -28.17 -14.25
N THR A 74 -19.13 -27.67 -14.63
CA THR A 74 -19.38 -26.25 -14.51
C THR A 74 -19.92 -25.88 -13.13
N ALA A 75 -20.75 -26.74 -12.52
CA ALA A 75 -21.24 -26.47 -11.19
C ALA A 75 -20.16 -26.69 -10.14
N GLY A 76 -19.35 -27.73 -10.31
CA GLY A 76 -18.29 -27.99 -9.35
C GLY A 76 -17.26 -26.89 -9.30
N ARG A 77 -16.86 -26.37 -10.46
CA ARG A 77 -15.82 -25.34 -10.48
C ARG A 77 -16.34 -24.03 -9.91
N TYR A 78 -17.62 -23.73 -10.10
CA TYR A 78 -18.17 -22.49 -9.56
C TYR A 78 -18.20 -22.51 -8.04
N PHE A 79 -18.57 -23.63 -7.44
CA PHE A 79 -18.68 -23.70 -5.99
C PHE A 79 -17.32 -23.83 -5.33
N GLU A 80 -16.37 -24.55 -5.93
CA GLU A 80 -15.07 -24.68 -5.30
C GLU A 80 -14.32 -23.36 -5.33
N ARG A 81 -14.64 -22.46 -6.25
CA ARG A 81 -14.09 -21.11 -6.20
C ARG A 81 -14.74 -20.30 -5.09
N LEU A 82 -16.06 -20.41 -4.94
CA LEU A 82 -16.76 -19.68 -3.89
C LEU A 82 -16.32 -20.15 -2.50
N VAL A 83 -16.25 -21.47 -2.31
CA VAL A 83 -15.94 -22.01 -1.00
C VAL A 83 -14.48 -21.73 -0.63
N SER A 84 -13.57 -21.94 -1.57
CA SER A 84 -12.15 -21.77 -1.26
C SER A 84 -11.79 -20.31 -1.05
N HIS A 85 -12.39 -19.40 -1.83
CA HIS A 85 -12.07 -17.99 -1.68
C HIS A 85 -12.74 -17.39 -0.45
N ASP A 86 -13.96 -17.80 -0.14
CA ASP A 86 -14.65 -17.26 1.03
C ASP A 86 -13.91 -17.61 2.31
N ALA A 87 -13.41 -18.85 2.41
CA ALA A 87 -12.67 -19.25 3.60
C ALA A 87 -11.25 -18.69 3.61
N THR A 88 -10.66 -18.48 2.43
CA THR A 88 -9.29 -17.98 2.38
C THR A 88 -9.20 -16.53 2.83
N PHE A 89 -10.22 -15.73 2.54
CA PHE A 89 -10.21 -14.33 2.89
C PHE A 89 -10.74 -14.07 4.29
N ARG A 90 -11.21 -15.09 5.00
CA ARG A 90 -11.47 -14.96 6.42
C ARG A 90 -10.28 -15.40 7.26
N VAL A 91 -9.46 -16.33 6.74
CA VAL A 91 -8.17 -16.58 7.34
C VAL A 91 -7.26 -15.36 7.17
N LEU A 92 -7.39 -14.66 6.05
CA LEU A 92 -6.65 -13.43 5.84
C LEU A 92 -7.01 -12.37 6.86
N GLN A 93 -8.26 -12.40 7.35
CA GLN A 93 -8.66 -11.42 8.36
C GLN A 93 -7.90 -11.62 9.65
N HIS A 94 -7.93 -12.85 10.19
CA HIS A 94 -7.20 -13.11 11.43
C HIS A 94 -5.72 -12.84 11.28
N LEU A 95 -5.16 -13.14 10.11
CA LEU A 95 -3.74 -12.92 9.88
C LEU A 95 -3.39 -11.44 9.91
N ARG A 96 -4.33 -10.56 9.58
CA ARG A 96 -4.05 -9.12 9.56
C ARG A 96 -4.26 -8.47 10.92
N ILE A 97 -5.31 -8.85 11.65
CA ILE A 97 -5.48 -8.36 13.01
C ILE A 97 -4.43 -8.95 13.95
N TYR A 98 -4.08 -10.22 13.76
CA TYR A 98 -3.04 -10.80 14.60
C TYR A 98 -1.70 -10.09 14.39
N THR A 99 -1.39 -9.75 13.13
CA THR A 99 -0.17 -9.02 12.85
C THR A 99 -0.23 -7.59 13.40
N PHE A 100 -1.39 -6.93 13.23
CA PHE A 100 -1.53 -5.57 13.75
C PHE A 100 -1.49 -5.53 15.26
N SER A 101 -1.96 -6.59 15.92
CA SER A 101 -2.00 -6.61 17.38
C SER A 101 -0.63 -6.54 18.02
N LYS A 102 0.43 -6.87 17.26
CA LYS A 102 1.78 -6.90 17.80
C LYS A 102 2.48 -5.55 17.75
N LEU A 103 1.92 -4.57 17.03
CA LEU A 103 2.65 -3.33 16.79
C LEU A 103 2.65 -2.41 18.01
N LEU A 104 1.53 -2.32 18.72
CA LEU A 104 1.43 -1.40 19.86
C LEU A 104 2.18 -1.88 21.09
N PRO A 105 2.23 -3.18 21.39
CA PRO A 105 3.04 -3.61 22.55
C PRO A 105 4.50 -3.24 22.45
N LEU A 106 5.02 -3.05 21.24
CA LEU A 106 6.41 -2.70 21.02
C LEU A 106 6.53 -1.37 20.29
N SER A 107 5.72 -0.40 20.69
CA SER A 107 5.60 0.87 20.00
C SER A 107 6.88 1.72 20.05
N PRO A 108 7.32 2.20 21.21
CA PRO A 108 8.34 3.25 21.19
C PRO A 108 9.68 2.80 20.65
N ALA A 109 10.14 1.60 21.01
CA ALA A 109 11.47 1.14 20.66
C ALA A 109 11.49 -0.04 19.71
N GLY A 110 10.52 -0.95 19.78
CA GLY A 110 10.49 -2.04 18.82
C GLY A 110 10.19 -1.58 17.42
N LEU A 111 9.34 -0.56 17.28
CA LEU A 111 8.99 -0.06 15.96
C LEU A 111 10.08 0.84 15.38
N ALA A 112 11.05 1.26 16.19
CA ALA A 112 12.14 2.07 15.67
C ALA A 112 13.15 1.25 14.88
N ARG A 113 13.09 -0.07 14.98
CA ARG A 113 13.97 -0.92 14.20
C ARG A 113 13.52 -1.01 12.76
N TYR A 114 12.27 -0.69 12.48
CA TYR A 114 11.70 -0.76 11.15
C TYR A 114 11.40 0.62 10.61
N ARG A 115 11.21 0.70 9.30
CA ARG A 115 10.75 1.90 8.63
C ARG A 115 9.25 1.81 8.41
N GLN A 116 8.56 2.93 8.61
CA GLN A 116 7.11 2.91 8.63
C GLN A 116 6.52 2.47 7.30
N GLY A 117 7.09 2.93 6.18
CA GLY A 117 6.59 2.53 4.88
C GLY A 117 6.76 1.05 4.60
N GLU A 118 7.81 0.44 5.16
CA GLU A 118 8.01 -0.99 4.99
C GLU A 118 7.16 -1.81 5.96
N LEU A 119 6.77 -1.21 7.09
CA LEU A 119 5.81 -1.87 7.97
C LEU A 119 4.42 -1.84 7.37
N LEU A 120 4.07 -0.77 6.66
CA LEU A 120 2.80 -0.73 5.94
C LEU A 120 2.76 -1.79 4.85
N ASN A 121 3.91 -2.12 4.27
CA ASN A 121 3.97 -3.19 3.29
C ASN A 121 3.67 -4.54 3.95
N ARG A 122 4.20 -4.79 5.14
CA ARG A 122 4.04 -6.10 5.77
C ARG A 122 2.58 -6.36 6.13
N VAL A 123 1.94 -5.42 6.82
CA VAL A 123 0.61 -5.66 7.33
C VAL A 123 -0.42 -5.70 6.20
N VAL A 124 -0.29 -4.80 5.22
CA VAL A 124 -1.30 -4.68 4.19
C VAL A 124 -0.97 -5.51 2.96
N ALA A 125 0.29 -5.48 2.50
CA ALA A 125 0.64 -6.16 1.26
C ALA A 125 1.19 -7.56 1.48
N ASP A 126 2.13 -7.71 2.42
CA ASP A 126 2.75 -9.01 2.63
C ASP A 126 1.77 -10.02 3.21
N VAL A 127 0.81 -9.58 4.02
CA VAL A 127 -0.22 -10.48 4.54
C VAL A 127 -1.05 -11.04 3.39
N ASP A 128 -1.41 -10.19 2.43
CA ASP A 128 -2.20 -10.66 1.29
C ASP A 128 -1.45 -11.71 0.50
N THR A 129 -0.14 -11.50 0.28
CA THR A 129 0.66 -12.47 -0.46
C THR A 129 0.78 -13.79 0.28
N LEU A 130 1.01 -13.73 1.60
CA LEU A 130 1.09 -14.96 2.39
C LEU A 130 -0.23 -15.71 2.39
N ASP A 131 -1.33 -15.02 2.15
CA ASP A 131 -2.64 -15.67 2.09
C ASP A 131 -2.82 -16.49 0.82
N HIS A 132 -1.99 -16.26 -0.20
CA HIS A 132 -2.01 -17.06 -1.42
C HIS A 132 -1.62 -18.50 -1.18
N LEU A 133 -1.26 -18.87 0.05
CA LEU A 133 -0.69 -20.18 0.32
C LEU A 133 -1.68 -21.30 0.02
N TYR A 134 -2.93 -21.14 0.45
CA TYR A 134 -3.89 -22.22 0.25
C TYR A 134 -4.45 -22.19 -1.17
N LEU A 135 -4.84 -21.02 -1.66
CA LEU A 135 -5.61 -20.93 -2.90
C LEU A 135 -4.82 -21.48 -4.08
N ARG A 136 -3.55 -21.12 -4.18
CA ARG A 136 -2.78 -21.44 -5.37
C ARG A 136 -1.47 -22.16 -5.09
N VAL A 137 -1.21 -22.58 -3.86
CA VAL A 137 0.02 -23.33 -3.59
C VAL A 137 -0.32 -24.69 -2.98
N ILE A 138 -1.43 -24.79 -2.27
CA ILE A 138 -1.82 -26.02 -1.57
C ILE A 138 -2.98 -26.72 -2.26
N SER A 139 -4.05 -26.00 -2.54
CA SER A 139 -5.19 -26.61 -3.23
C SER A 139 -4.82 -27.17 -4.59
N PRO A 140 -4.06 -26.47 -5.45
CA PRO A 140 -3.63 -27.11 -6.70
C PRO A 140 -2.80 -28.37 -6.50
N LEU A 141 -1.93 -28.39 -5.48
CA LEU A 141 -1.01 -29.50 -5.33
C LEU A 141 -1.73 -30.77 -4.90
N VAL A 142 -2.58 -30.69 -3.87
CA VAL A 142 -3.22 -31.88 -3.37
C VAL A 142 -4.43 -32.25 -4.22
N GLY A 143 -5.07 -31.26 -4.85
CA GLY A 143 -6.14 -31.56 -5.78
C GLY A 143 -5.64 -32.30 -7.01
N ALA A 144 -4.50 -31.86 -7.55
CA ALA A 144 -3.93 -32.54 -8.71
C ALA A 144 -3.49 -33.95 -8.38
N PHE A 145 -2.81 -34.13 -7.24
CA PHE A 145 -2.23 -35.43 -6.91
C PHE A 145 -3.30 -36.50 -6.75
N VAL A 146 -4.41 -36.18 -6.10
CA VAL A 146 -5.49 -37.15 -5.94
C VAL A 146 -6.06 -37.52 -7.31
N VAL A 147 -6.20 -36.55 -8.20
CA VAL A 147 -6.71 -36.83 -9.54
C VAL A 147 -5.75 -37.73 -10.30
N ILE A 148 -4.44 -37.56 -10.09
CA ILE A 148 -3.47 -38.46 -10.72
C ILE A 148 -3.70 -39.89 -10.26
N MET A 149 -3.89 -40.08 -8.96
CA MET A 149 -4.10 -41.42 -8.41
C MET A 149 -5.40 -42.03 -8.92
N VAL A 150 -6.48 -41.25 -8.95
CA VAL A 150 -7.76 -41.79 -9.40
C VAL A 150 -7.71 -42.17 -10.87
N VAL A 151 -7.13 -41.31 -11.70
CA VAL A 151 -7.02 -41.61 -13.13
C VAL A 151 -6.14 -42.82 -13.36
N THR A 152 -5.00 -42.89 -12.68
CA THR A 152 -4.10 -44.03 -12.85
C THR A 152 -4.74 -45.32 -12.36
N ILE A 153 -5.41 -45.28 -11.21
CA ILE A 153 -6.09 -46.46 -10.68
C ILE A 153 -7.21 -46.89 -11.62
N GLY A 154 -8.01 -45.92 -12.09
CA GLY A 154 -9.10 -46.25 -12.99
C GLY A 154 -8.63 -46.86 -14.29
N LEU A 155 -7.60 -46.27 -14.90
CA LEU A 155 -7.04 -46.82 -16.13
C LEU A 155 -6.33 -48.14 -15.91
N SER A 156 -5.93 -48.44 -14.65
CA SER A 156 -5.17 -49.66 -14.39
C SER A 156 -6.00 -50.91 -14.64
N PHE A 157 -7.33 -50.81 -14.55
CA PHE A 157 -8.18 -51.95 -14.86
C PHE A 157 -8.03 -52.35 -16.32
N LEU A 158 -7.95 -51.36 -17.21
CA LEU A 158 -7.85 -51.64 -18.64
C LEU A 158 -6.50 -52.24 -19.00
N ASP A 159 -5.42 -51.62 -18.54
CA ASP A 159 -4.07 -52.06 -18.91
C ASP A 159 -3.09 -51.47 -17.92
N PHE A 160 -2.30 -52.34 -17.29
CA PHE A 160 -1.31 -51.86 -16.32
C PHE A 160 -0.21 -51.06 -17.01
N THR A 161 0.31 -51.57 -18.13
CA THR A 161 1.44 -50.91 -18.79
C THR A 161 1.09 -49.50 -19.23
N LEU A 162 -0.10 -49.31 -19.80
CA LEU A 162 -0.50 -47.99 -20.25
C LEU A 162 -0.82 -47.07 -19.09
N ALA A 163 -1.42 -47.61 -18.02
CA ALA A 163 -1.86 -46.78 -16.91
C ALA A 163 -0.69 -46.17 -16.17
N PHE A 164 0.29 -46.99 -15.77
CA PHE A 164 1.46 -46.43 -15.09
C PHE A 164 2.33 -45.61 -16.04
N THR A 165 2.22 -45.85 -17.35
CA THR A 165 2.94 -45.00 -18.30
C THR A 165 2.38 -43.59 -18.28
N LEU A 166 1.06 -43.45 -18.42
CA LEU A 166 0.44 -42.13 -18.31
C LEU A 166 0.58 -41.58 -16.90
N GLY A 167 0.34 -42.41 -15.89
CA GLY A 167 0.52 -41.97 -14.52
C GLY A 167 1.97 -41.63 -14.22
N GLY A 168 2.90 -42.44 -14.72
CA GLY A 168 4.31 -42.16 -14.48
C GLY A 168 4.75 -40.83 -15.05
N ILE A 169 4.34 -40.51 -16.27
CA ILE A 169 4.66 -39.20 -16.84
C ILE A 169 4.02 -38.10 -16.01
N MET A 170 2.78 -38.29 -15.59
CA MET A 170 2.05 -37.24 -14.88
C MET A 170 2.55 -37.09 -13.44
N LEU A 171 2.78 -38.22 -12.76
CA LEU A 171 3.15 -38.16 -11.35
C LEU A 171 4.60 -37.74 -11.20
N LEU A 172 5.46 -38.15 -12.12
CA LEU A 172 6.84 -37.69 -12.10
C LEU A 172 6.92 -36.20 -12.36
N THR A 173 6.08 -35.70 -13.26
CA THR A 173 6.04 -34.26 -13.52
C THR A 173 5.64 -33.48 -12.27
N LEU A 174 4.65 -34.00 -11.53
CA LEU A 174 4.16 -33.30 -10.36
C LEU A 174 5.21 -33.23 -9.24
N PHE A 175 6.05 -34.25 -9.12
CA PHE A 175 6.96 -34.29 -7.99
C PHE A 175 8.32 -33.63 -8.23
N LEU A 176 8.83 -33.63 -9.46
CA LEU A 176 10.17 -33.09 -9.66
C LEU A 176 10.19 -31.78 -10.46
N MET A 177 9.11 -31.42 -11.12
CA MET A 177 9.12 -30.16 -11.86
C MET A 177 8.87 -28.94 -10.97
N PRO A 178 7.87 -28.96 -10.08
CA PRO A 178 7.65 -27.79 -9.20
C PRO A 178 8.86 -27.48 -8.34
N PRO A 179 9.52 -28.47 -7.71
CA PRO A 179 10.74 -28.12 -6.95
C PRO A 179 11.84 -27.53 -7.82
N LEU A 180 11.94 -27.97 -9.07
CA LEU A 180 12.95 -27.42 -9.96
C LEU A 180 12.70 -25.94 -10.24
N PHE A 181 11.43 -25.56 -10.39
CA PHE A 181 11.11 -24.17 -10.65
C PHE A 181 11.09 -23.36 -9.37
N TYR A 182 10.90 -24.02 -8.22
CA TYR A 182 11.03 -23.33 -6.94
C TYR A 182 12.47 -22.91 -6.70
N ARG A 183 13.41 -23.82 -6.94
CA ARG A 183 14.82 -23.47 -6.81
C ARG A 183 15.22 -22.40 -7.81
N ALA A 184 14.60 -22.42 -9.00
CA ALA A 184 14.91 -21.41 -10.00
C ALA A 184 14.30 -20.05 -9.65
N GLY A 185 13.08 -20.04 -9.15
CA GLY A 185 12.38 -18.83 -8.81
C GLY A 185 12.42 -18.41 -7.36
N LYS A 186 13.18 -19.11 -6.52
CA LYS A 186 13.28 -18.71 -5.11
C LYS A 186 13.98 -17.37 -4.96
N SER A 187 15.07 -17.16 -5.71
CA SER A 187 15.79 -15.90 -5.61
C SER A 187 14.96 -14.74 -6.13
N THR A 188 14.22 -14.95 -7.21
CA THR A 188 13.39 -13.90 -7.77
C THR A 188 12.27 -13.51 -6.82
N GLY A 189 11.69 -14.49 -6.12
CA GLY A 189 10.61 -14.19 -5.20
C GLY A 189 11.07 -13.44 -3.96
N GLN A 190 12.33 -13.61 -3.57
CA GLN A 190 12.86 -12.85 -2.44
C GLN A 190 13.14 -11.40 -2.84
N ASN A 191 13.64 -11.22 -4.06
CA ASN A 191 13.95 -9.87 -4.60
C ASN A 191 12.66 -9.13 -4.95
N LEU A 192 11.62 -9.87 -5.33
CA LEU A 192 10.34 -9.27 -5.68
C LEU A 192 9.55 -8.88 -4.43
N THR A 193 9.74 -9.61 -3.34
CA THR A 193 9.15 -9.23 -2.06
C THR A 193 9.94 -8.09 -1.40
N HIS A 194 11.26 -8.11 -1.55
CA HIS A 194 12.08 -7.09 -0.92
C HIS A 194 11.95 -5.74 -1.60
N LEU A 195 11.77 -5.72 -2.92
CA LEU A 195 11.75 -4.46 -3.65
C LEU A 195 10.39 -3.79 -3.66
N ARG A 196 9.31 -4.58 -3.51
CA ARG A 196 8.00 -3.96 -3.36
C ARG A 196 7.91 -3.21 -2.04
N GLY A 197 8.47 -3.78 -0.97
CA GLY A 197 8.49 -3.08 0.31
C GLY A 197 9.49 -1.94 0.34
N GLN A 198 10.53 -2.04 -0.49
CA GLN A 198 11.56 -0.97 -0.57
C GLN A 198 10.97 0.22 -1.33
N TYR A 199 10.22 -0.03 -2.40
CA TYR A 199 9.61 1.04 -3.16
C TYR A 199 8.55 1.77 -2.36
N ARG A 200 7.73 1.02 -1.60
CA ARG A 200 6.69 1.64 -0.80
C ARG A 200 7.30 2.50 0.31
N GLN A 201 8.43 2.06 0.88
CA GLN A 201 9.09 2.89 1.88
C GLN A 201 9.67 4.14 1.27
N GLN A 202 10.37 4.01 0.15
CA GLN A 202 10.98 5.16 -0.50
C GLN A 202 9.95 6.11 -1.09
N LEU A 203 8.74 5.63 -1.36
CA LEU A 203 7.69 6.50 -1.89
C LEU A 203 7.00 7.28 -0.77
N THR A 204 6.62 6.58 0.30
CA THR A 204 5.96 7.27 1.41
C THR A 204 6.89 8.24 2.12
N ALA A 205 8.18 7.92 2.18
CA ALA A 205 9.15 8.87 2.73
C ALA A 205 9.34 10.04 1.79
N TRP A 206 9.29 9.80 0.48
CA TRP A 206 9.42 10.87 -0.50
C TRP A 206 8.19 11.76 -0.49
N LEU A 207 6.99 11.17 -0.37
CA LEU A 207 5.76 11.95 -0.35
C LEU A 207 5.63 12.74 0.95
N GLN A 208 5.94 12.10 2.08
CA GLN A 208 5.77 12.76 3.41
C GLN A 208 6.73 13.95 3.58
N GLY A 209 7.94 13.86 3.02
CA GLY A 209 8.92 14.92 3.18
C GLY A 209 8.97 15.86 2.00
N GLN A 210 7.89 15.94 1.22
CA GLN A 210 7.90 16.72 -0.01
C GLN A 210 7.98 18.21 0.24
N ALA A 211 7.71 18.68 1.45
CA ALA A 211 7.85 20.10 1.75
C ALA A 211 9.32 20.52 1.73
N GLU A 212 10.18 19.75 2.42
CA GLU A 212 11.59 20.07 2.47
C GLU A 212 12.30 19.71 1.16
N LEU A 213 11.96 18.56 0.58
CA LEU A 213 12.64 18.13 -0.63
C LEU A 213 12.39 19.08 -1.79
N THR A 214 11.24 19.75 -1.81
CA THR A 214 10.94 20.67 -2.90
C THR A 214 11.73 21.96 -2.77
N ILE A 215 11.85 22.49 -1.55
CA ILE A 215 12.52 23.76 -1.34
C ILE A 215 14.01 23.64 -1.62
N PHE A 216 14.62 22.53 -1.21
CA PHE A 216 16.06 22.36 -1.33
C PHE A 216 16.45 21.56 -2.55
N GLY A 217 15.52 21.33 -3.48
CA GLY A 217 15.86 20.71 -4.73
C GLY A 217 16.24 19.26 -4.65
N ALA A 218 15.86 18.56 -3.59
CA ALA A 218 16.16 17.15 -3.46
C ALA A 218 15.02 16.26 -3.93
N SER A 219 13.91 16.83 -4.39
CA SER A 219 12.81 16.00 -4.88
C SER A 219 13.25 15.18 -6.09
N ASP A 220 13.96 15.80 -7.03
CA ASP A 220 14.36 15.09 -8.24
C ASP A 220 15.42 14.04 -7.94
N ARG A 221 16.37 14.35 -7.05
CA ARG A 221 17.45 13.41 -6.76
C ARG A 221 17.02 12.30 -5.81
N TYR A 222 15.93 12.49 -5.08
CA TYR A 222 15.32 11.40 -4.31
C TYR A 222 14.33 10.61 -5.12
N ARG A 223 13.72 11.21 -6.14
CA ARG A 223 12.88 10.45 -7.06
C ARG A 223 13.71 9.57 -7.97
N THR A 224 14.92 10.02 -8.34
CA THR A 224 15.80 9.19 -9.14
C THR A 224 16.17 7.91 -8.40
N GLN A 225 16.49 8.03 -7.11
CA GLN A 225 16.73 6.84 -6.30
C GLN A 225 15.47 6.00 -6.18
N LEU A 226 14.31 6.66 -6.10
CA LEU A 226 13.04 5.94 -6.09
C LEU A 226 12.82 5.20 -7.41
N GLU A 227 13.16 5.85 -8.53
CA GLU A 227 12.99 5.22 -9.83
C GLU A 227 13.92 4.04 -10.03
N ASN A 228 15.12 4.09 -9.42
CA ASN A 228 16.05 2.98 -9.54
C ASN A 228 15.52 1.73 -8.87
N THR A 229 14.82 1.89 -7.74
CA THR A 229 14.19 0.75 -7.10
C THR A 229 13.13 0.12 -7.99
N GLU A 230 12.36 0.97 -8.70
CA GLU A 230 11.36 0.45 -9.62
C GLU A 230 12.00 -0.31 -10.77
N ILE A 231 13.15 0.17 -11.26
CA ILE A 231 13.85 -0.52 -12.33
C ILE A 231 14.25 -1.92 -11.90
N GLN A 232 14.83 -2.05 -10.71
CA GLN A 232 15.16 -3.36 -10.18
C GLN A 232 13.90 -4.17 -9.92
N TRP A 233 12.86 -3.52 -9.40
CA TRP A 233 11.59 -4.19 -9.14
C TRP A 233 10.98 -4.71 -10.45
N LEU A 234 11.03 -3.91 -11.51
CA LEU A 234 10.50 -4.34 -12.79
C LEU A 234 11.32 -5.47 -13.40
N GLU A 235 12.63 -5.52 -13.11
CA GLU A 235 13.44 -6.63 -13.61
C GLU A 235 13.10 -7.93 -12.91
N ALA A 236 12.86 -7.88 -11.60
CA ALA A 236 12.40 -9.06 -10.88
C ALA A 236 11.05 -9.53 -11.41
N GLN A 237 10.15 -8.58 -11.69
CA GLN A 237 8.89 -8.94 -12.33
C GLN A 237 9.10 -9.50 -13.72
N ARG A 238 10.13 -9.02 -14.43
CA ARG A 238 10.42 -9.57 -15.75
C ARG A 238 11.00 -10.97 -15.66
N ARG A 239 11.92 -11.19 -14.72
CA ARG A 239 12.50 -12.51 -14.55
C ARG A 239 11.45 -13.53 -14.12
N GLN A 240 10.45 -13.09 -13.36
CA GLN A 240 9.34 -13.97 -13.03
C GLN A 240 8.54 -14.34 -14.27
N SER A 241 8.35 -13.37 -15.17
CA SER A 241 7.63 -13.65 -16.41
C SER A 241 8.37 -14.64 -17.29
N GLU A 242 9.70 -14.57 -17.30
CA GLU A 242 10.50 -15.52 -18.06
C GLU A 242 10.28 -16.94 -17.54
N LEU A 243 10.20 -17.10 -16.23
CA LEU A 243 9.97 -18.42 -15.65
C LEU A 243 8.55 -18.90 -15.91
N THR A 244 7.57 -17.99 -15.82
CA THR A 244 6.20 -18.37 -16.13
C THR A 244 6.05 -18.78 -17.59
N ALA A 245 6.68 -18.04 -18.50
CA ALA A 245 6.64 -18.41 -19.91
C ALA A 245 7.29 -19.76 -20.15
N LEU A 246 8.44 -20.01 -19.52
CA LEU A 246 9.14 -21.27 -19.74
C LEU A 246 8.42 -22.44 -19.06
N SER A 247 7.79 -22.18 -17.91
CA SER A 247 7.08 -23.24 -17.22
C SER A 247 5.91 -23.77 -18.05
N GLN A 248 5.18 -22.87 -18.71
CA GLN A 248 4.05 -23.29 -19.53
C GLN A 248 4.51 -24.03 -20.77
N ALA A 249 5.65 -23.63 -21.34
CA ALA A 249 6.17 -24.29 -22.52
C ALA A 249 6.54 -25.74 -22.23
N ILE A 250 7.15 -26.00 -21.07
CA ILE A 250 7.58 -27.36 -20.76
C ILE A 250 6.38 -28.25 -20.50
N MET A 251 5.37 -27.77 -19.77
CA MET A 251 4.15 -28.54 -19.60
C MET A 251 3.46 -28.84 -20.92
N LEU A 252 3.48 -27.92 -21.88
CA LEU A 252 2.90 -28.21 -23.18
C LEU A 252 3.73 -29.26 -23.92
N LEU A 253 5.05 -29.23 -23.73
CA LEU A 253 5.90 -30.26 -24.31
C LEU A 253 5.72 -31.59 -23.58
N ILE A 254 5.67 -31.56 -22.25
CA ILE A 254 5.29 -32.76 -21.51
C ILE A 254 3.86 -33.15 -21.85
N GLY A 255 3.00 -32.17 -22.07
CA GLY A 255 1.66 -32.48 -22.53
C GLY A 255 1.63 -33.22 -23.85
N ALA A 256 2.56 -32.88 -24.74
CA ALA A 256 2.69 -33.60 -26.01
C ALA A 256 3.20 -35.01 -25.81
N LEU A 257 4.12 -35.20 -24.86
CA LEU A 257 4.82 -36.46 -24.72
C LEU A 257 3.86 -37.60 -24.41
N ALA A 258 2.94 -37.40 -23.47
CA ALA A 258 2.02 -38.47 -23.12
C ALA A 258 1.06 -38.77 -24.27
N VAL A 259 0.58 -37.73 -24.95
CA VAL A 259 -0.34 -37.93 -26.06
C VAL A 259 0.33 -38.73 -27.17
N ILE A 260 1.58 -38.40 -27.49
CA ILE A 260 2.32 -39.15 -28.49
C ILE A 260 2.53 -40.59 -28.01
N LEU A 261 2.94 -40.75 -26.75
CA LEU A 261 3.18 -42.09 -26.22
C LEU A 261 1.90 -42.91 -26.18
N MET A 262 0.79 -42.33 -25.73
CA MET A 262 -0.47 -43.06 -25.72
C MET A 262 -0.89 -43.45 -27.13
N LEU A 263 -0.70 -42.55 -28.09
CA LEU A 263 -0.98 -42.90 -29.48
C LEU A 263 -0.11 -44.06 -29.95
N TRP A 264 1.19 -43.98 -29.66
CA TRP A 264 2.12 -45.01 -30.11
C TRP A 264 1.91 -46.32 -29.37
N MET A 265 1.85 -46.25 -28.03
CA MET A 265 1.85 -47.48 -27.22
C MET A 265 0.52 -48.21 -27.31
N ALA A 266 -0.61 -47.48 -27.20
CA ALA A 266 -1.90 -48.13 -27.17
C ALA A 266 -2.23 -48.77 -28.52
N SER A 267 -1.55 -48.34 -29.58
CA SER A 267 -1.75 -48.94 -30.90
C SER A 267 -1.36 -50.42 -30.88
N GLY A 268 -0.28 -50.75 -30.17
CA GLY A 268 0.15 -52.14 -30.11
C GLY A 268 -0.88 -53.04 -29.47
N GLY A 269 -1.52 -52.57 -28.40
CA GLY A 269 -2.56 -53.34 -27.76
C GLY A 269 -2.96 -52.82 -26.40
N VAL A 270 -4.26 -52.84 -26.12
CA VAL A 270 -4.81 -52.45 -24.82
C VAL A 270 -5.49 -53.66 -24.22
N GLY A 271 -5.11 -54.00 -22.99
CA GLY A 271 -5.69 -55.15 -22.33
C GLY A 271 -5.18 -56.49 -22.79
N GLY A 272 -4.06 -56.51 -23.52
CA GLY A 272 -3.50 -57.75 -24.01
C GLY A 272 -4.05 -58.25 -25.32
N ASN A 273 -4.96 -57.51 -25.94
CA ASN A 273 -5.52 -57.87 -27.24
C ASN A 273 -4.98 -56.93 -28.31
N ALA A 274 -4.53 -57.51 -29.43
CA ALA A 274 -3.83 -56.74 -30.44
C ALA A 274 -4.76 -55.76 -31.15
N GLN A 275 -6.06 -56.00 -31.11
CA GLN A 275 -7.01 -55.11 -31.76
C GLN A 275 -7.77 -54.31 -30.71
N PRO A 276 -7.23 -53.18 -30.27
CA PRO A 276 -7.86 -52.45 -29.16
C PRO A 276 -9.23 -51.90 -29.50
N GLY A 277 -9.50 -51.65 -30.77
CA GLY A 277 -10.78 -51.06 -31.13
C GLY A 277 -10.84 -49.62 -30.66
N ALA A 278 -11.95 -49.27 -30.01
CA ALA A 278 -12.14 -47.91 -29.51
C ALA A 278 -11.24 -47.59 -28.33
N LEU A 279 -10.58 -48.57 -27.73
CA LEU A 279 -9.83 -48.34 -26.51
C LEU A 279 -8.61 -47.46 -26.73
N ILE A 280 -8.18 -47.27 -27.98
CA ILE A 280 -7.06 -46.38 -28.25
C ILE A 280 -7.43 -44.95 -27.93
N ALA A 281 -8.65 -44.54 -28.31
CA ALA A 281 -9.08 -43.16 -28.05
C ALA A 281 -9.36 -42.92 -26.57
N LEU A 282 -9.60 -43.97 -25.79
CA LEU A 282 -9.81 -43.81 -24.36
C LEU A 282 -8.54 -43.30 -23.67
N PHE A 283 -7.38 -43.85 -24.05
CA PHE A 283 -6.13 -43.44 -23.44
C PHE A 283 -5.60 -42.14 -24.01
N VAL A 284 -5.84 -41.88 -25.30
CA VAL A 284 -5.33 -40.66 -25.91
C VAL A 284 -6.07 -39.44 -25.39
N PHE A 285 -7.40 -39.53 -25.30
CA PHE A 285 -8.18 -38.39 -24.83
C PHE A 285 -8.03 -38.18 -23.33
N CYS A 286 -7.79 -39.25 -22.57
CA CYS A 286 -7.45 -39.10 -21.17
C CYS A 286 -6.14 -38.34 -21.00
N ALA A 287 -5.13 -38.72 -21.78
CA ALA A 287 -3.85 -38.02 -21.73
C ALA A 287 -3.96 -36.59 -22.22
N LEU A 288 -4.83 -36.35 -23.21
CA LEU A 288 -5.01 -35.00 -23.73
C LEU A 288 -5.75 -34.10 -22.74
N ALA A 289 -6.63 -34.68 -21.92
CA ALA A 289 -7.46 -33.89 -21.02
C ALA A 289 -6.96 -33.87 -19.58
N ALA A 290 -6.24 -34.90 -19.14
CA ALA A 290 -5.87 -35.00 -17.74
C ALA A 290 -4.83 -33.97 -17.33
N PHE A 291 -4.23 -33.29 -18.31
CA PHE A 291 -3.17 -32.30 -18.00
C PHE A 291 -3.76 -31.04 -17.36
N GLU A 292 -5.04 -30.74 -17.60
CA GLU A 292 -5.63 -29.60 -16.94
C GLU A 292 -5.65 -29.75 -15.43
N ALA A 293 -5.38 -30.95 -14.92
CA ALA A 293 -5.15 -31.11 -13.49
C ALA A 293 -3.80 -30.55 -13.07
N LEU A 294 -2.83 -30.57 -13.97
CA LEU A 294 -1.49 -30.07 -13.70
C LEU A 294 -1.30 -28.64 -14.19
N ALA A 295 -2.38 -27.97 -14.59
CA ALA A 295 -2.29 -26.58 -15.04
C ALA A 295 -2.02 -25.63 -13.89
N PRO A 296 -2.79 -25.66 -12.80
CA PRO A 296 -2.49 -24.71 -11.70
C PRO A 296 -1.20 -25.02 -10.97
N VAL A 297 -0.69 -26.26 -11.10
CA VAL A 297 0.53 -26.64 -10.41
C VAL A 297 1.74 -25.96 -11.06
N THR A 298 1.57 -25.48 -12.29
CA THR A 298 2.69 -24.90 -13.04
C THR A 298 3.32 -23.75 -12.27
N GLY A 299 2.56 -22.71 -11.99
CA GLY A 299 3.04 -21.55 -11.25
C GLY A 299 2.87 -21.61 -9.77
N ALA A 300 2.43 -22.76 -9.23
CA ALA A 300 2.20 -22.87 -7.80
C ALA A 300 3.49 -22.69 -7.01
N PHE A 301 4.58 -23.30 -7.50
CA PHE A 301 5.84 -23.20 -6.78
C PHE A 301 6.60 -21.92 -7.14
N GLN A 302 6.08 -21.15 -8.09
CA GLN A 302 6.61 -19.81 -8.31
C GLN A 302 5.93 -18.81 -7.38
N HIS A 303 4.69 -19.09 -6.99
CA HIS A 303 4.07 -18.36 -5.90
C HIS A 303 4.76 -18.68 -4.58
N LEU A 304 5.23 -19.93 -4.44
CA LEU A 304 5.78 -20.39 -3.17
C LEU A 304 7.02 -19.60 -2.77
N GLY A 305 7.89 -19.32 -3.73
CA GLY A 305 9.08 -18.55 -3.42
C GLY A 305 8.77 -17.17 -2.88
N GLN A 306 7.66 -16.58 -3.34
CA GLN A 306 7.25 -15.26 -2.87
C GLN A 306 6.40 -15.35 -1.60
N VAL A 307 5.68 -16.45 -1.42
CA VAL A 307 4.91 -16.65 -0.19
C VAL A 307 5.84 -16.86 1.00
N ILE A 308 6.88 -17.67 0.81
CA ILE A 308 7.83 -17.93 1.90
C ILE A 308 8.57 -16.66 2.29
N ALA A 309 8.93 -15.84 1.30
CA ALA A 309 9.58 -14.57 1.60
C ALA A 309 8.69 -13.67 2.43
N SER A 310 7.39 -13.62 2.11
CA SER A 310 6.45 -12.87 2.92
C SER A 310 6.32 -13.48 4.31
N ALA A 311 6.18 -14.81 4.38
CA ALA A 311 6.04 -15.49 5.66
C ALA A 311 7.19 -15.16 6.58
N VAL A 312 8.39 -14.96 6.02
CA VAL A 312 9.54 -14.57 6.84
C VAL A 312 9.33 -13.18 7.41
N ARG A 313 8.81 -12.24 6.62
CA ARG A 313 8.64 -10.86 7.08
C ARG A 313 7.64 -10.77 8.22
N ILE A 314 6.48 -11.41 8.09
CA ILE A 314 5.49 -11.37 9.16
C ILE A 314 5.98 -12.14 10.38
N SER A 315 6.59 -13.32 10.17
CA SER A 315 7.14 -14.07 11.29
C SER A 315 8.21 -13.27 12.02
N ASP A 316 8.94 -12.42 11.30
CA ASP A 316 9.87 -11.52 11.97
C ASP A 316 9.14 -10.57 12.91
N LEU A 317 8.06 -9.96 12.43
CA LEU A 317 7.37 -8.95 13.23
C LEU A 317 6.62 -9.56 14.40
N THR A 318 5.89 -10.65 14.16
CA THR A 318 5.06 -11.25 15.20
C THR A 318 5.86 -12.00 16.25
N ASP A 319 7.13 -12.29 16.00
CA ASP A 319 7.96 -12.98 16.97
C ASP A 319 8.84 -12.05 17.79
N GLN A 320 8.67 -10.74 17.63
CA GLN A 320 9.39 -9.78 18.46
C GLN A 320 8.80 -9.76 19.86
N LYS A 321 9.68 -9.70 20.85
CA LYS A 321 9.25 -9.65 22.28
C LYS A 321 9.34 -8.20 22.76
N PRO A 322 8.21 -7.57 23.18
CA PRO A 322 8.24 -6.18 23.66
C PRO A 322 9.09 -6.11 24.94
N GLU A 323 9.89 -5.04 25.07
CA GLU A 323 10.75 -4.88 26.23
C GLU A 323 9.99 -4.37 27.45
N VAL A 324 8.72 -4.02 27.30
CA VAL A 324 7.88 -3.60 28.41
C VAL A 324 6.71 -4.56 28.50
N THR A 325 6.54 -5.18 29.66
CA THR A 325 5.47 -6.13 29.89
C THR A 325 4.62 -5.68 31.07
N PHE A 326 3.35 -6.10 31.07
CA PHE A 326 2.41 -5.66 32.09
C PHE A 326 1.74 -6.86 32.75
N PRO A 327 1.55 -6.82 34.05
CA PRO A 327 0.83 -7.90 34.74
C PRO A 327 -0.66 -7.83 34.45
N ASP A 328 -1.34 -8.92 34.78
CA ASP A 328 -2.79 -9.03 34.61
C ASP A 328 -3.56 -8.72 35.88
N THR A 329 -2.88 -8.27 36.92
CA THR A 329 -3.52 -7.99 38.21
C THR A 329 -4.40 -6.75 38.08
N GLN A 330 -5.71 -6.95 38.14
CA GLN A 330 -6.63 -5.83 38.10
C GLN A 330 -6.51 -4.99 39.36
N THR A 331 -6.61 -3.67 39.20
CA THR A 331 -6.55 -2.75 40.32
C THR A 331 -7.41 -1.53 40.02
N ARG A 332 -7.85 -0.85 41.08
CA ARG A 332 -8.68 0.33 40.93
C ARG A 332 -7.81 1.57 40.76
N VAL A 333 -8.19 2.43 39.82
CA VAL A 333 -7.43 3.66 39.58
C VAL A 333 -7.53 4.56 40.79
N ALA A 334 -6.40 5.05 41.26
CA ALA A 334 -6.38 5.96 42.40
C ALA A 334 -6.94 7.33 42.00
N ASP A 335 -7.32 8.11 43.01
CA ASP A 335 -7.79 9.47 42.78
C ASP A 335 -6.72 10.51 43.02
N ARG A 336 -5.73 10.21 43.87
CA ARG A 336 -4.57 11.06 44.07
C ARG A 336 -3.32 10.22 43.86
N VAL A 337 -2.38 10.72 43.05
CA VAL A 337 -1.19 9.99 42.69
C VAL A 337 0.02 10.81 43.09
N SER A 338 0.92 10.22 43.86
CA SER A 338 2.21 10.80 44.20
C SER A 338 3.29 9.80 43.84
N LEU A 339 4.28 10.23 43.08
CA LEU A 339 5.30 9.34 42.56
C LEU A 339 6.67 9.70 43.12
N THR A 340 7.50 8.67 43.34
CA THR A 340 8.85 8.82 43.82
C THR A 340 9.80 8.16 42.83
N LEU A 341 10.89 8.85 42.51
CA LEU A 341 11.96 8.31 41.66
C LEU A 341 13.24 8.29 42.47
N ARG A 342 13.97 7.18 42.41
CA ARG A 342 15.19 7.01 43.20
C ARG A 342 16.26 6.41 42.30
N ASP A 343 17.22 7.24 41.90
CA ASP A 343 18.38 6.83 41.12
C ASP A 343 17.96 6.03 39.88
N VAL A 344 17.06 6.62 39.11
CA VAL A 344 16.59 6.01 37.88
C VAL A 344 17.55 6.40 36.76
N GLN A 345 18.09 5.39 36.08
CA GLN A 345 19.01 5.60 34.97
C GLN A 345 18.56 4.78 33.77
N PHE A 346 18.69 5.37 32.58
CA PHE A 346 18.20 4.74 31.37
C PHE A 346 19.17 4.97 30.23
N THR A 347 19.52 3.90 29.53
CA THR A 347 20.36 3.97 28.34
C THR A 347 19.52 3.55 27.14
N TYR A 348 19.48 4.42 26.12
CA TYR A 348 18.72 4.13 24.94
C TYR A 348 19.33 2.94 24.20
N PRO A 349 18.53 2.24 23.39
CA PRO A 349 19.05 1.05 22.70
C PRO A 349 20.23 1.39 21.81
N GLU A 350 21.14 0.42 21.69
CA GLU A 350 22.36 0.52 20.87
C GLU A 350 23.08 1.85 21.08
N GLN A 351 23.25 2.23 22.34
CA GLN A 351 24.00 3.42 22.71
C GLN A 351 25.02 3.05 23.78
N SER A 352 25.95 3.97 24.03
CA SER A 352 26.96 3.80 25.06
C SER A 352 26.76 4.74 26.25
N GLN A 353 26.41 6.00 25.99
CA GLN A 353 26.21 6.95 27.07
C GLN A 353 24.80 6.80 27.65
N GLN A 354 24.54 7.51 28.73
CA GLN A 354 23.30 7.39 29.49
C GLN A 354 22.45 8.63 29.31
N ALA A 355 21.20 8.43 28.88
CA ALA A 355 20.28 9.56 28.74
C ALA A 355 19.86 10.10 30.09
N LEU A 356 19.65 9.23 31.06
CA LEU A 356 19.29 9.61 32.42
C LEU A 356 20.33 9.07 33.38
N LYS A 357 20.84 9.94 34.25
CA LYS A 357 21.89 9.58 35.21
C LYS A 357 21.42 9.94 36.61
N GLY A 358 20.77 8.99 37.28
CA GLY A 358 20.41 9.14 38.67
C GLY A 358 19.42 10.24 38.97
N ILE A 359 18.34 10.32 38.20
CA ILE A 359 17.26 11.24 38.55
C ILE A 359 16.60 10.77 39.83
N SER A 360 16.37 11.70 40.75
CA SER A 360 15.78 11.36 42.04
C SER A 360 14.95 12.54 42.52
N LEU A 361 13.63 12.38 42.45
CA LEU A 361 12.71 13.39 42.95
C LEU A 361 11.49 12.70 43.53
N GLN A 362 10.85 13.37 44.49
CA GLN A 362 9.65 12.86 45.13
C GLN A 362 8.55 13.92 44.99
N VAL A 363 7.52 13.60 44.23
CA VAL A 363 6.43 14.53 43.93
C VAL A 363 5.22 14.10 44.74
N ASN A 364 4.82 14.93 45.70
CA ASN A 364 3.65 14.65 46.51
C ASN A 364 2.38 14.88 45.70
N ALA A 365 1.30 14.21 46.12
CA ALA A 365 0.02 14.36 45.44
C ALA A 365 -0.47 15.79 45.54
N GLY A 366 -0.90 16.34 44.40
CA GLY A 366 -1.35 17.71 44.34
C GLY A 366 -0.28 18.74 44.07
N GLU A 367 0.98 18.31 43.95
CA GLU A 367 2.07 19.22 43.64
C GLU A 367 2.16 19.48 42.15
N HIS A 368 2.51 20.72 41.80
CA HIS A 368 2.79 21.10 40.42
C HIS A 368 4.28 21.36 40.30
N ILE A 369 4.95 20.63 39.42
CA ILE A 369 6.40 20.65 39.32
C ILE A 369 6.78 21.08 37.91
N ALA A 370 7.70 22.03 37.80
CA ALA A 370 8.19 22.52 36.52
C ALA A 370 9.61 22.02 36.30
N ILE A 371 9.86 21.45 35.13
CA ILE A 371 11.16 20.90 34.76
C ILE A 371 11.78 21.80 33.71
N LEU A 372 12.97 22.32 34.00
CA LEU A 372 13.70 23.18 33.08
C LEU A 372 15.04 22.53 32.73
N GLY A 373 15.63 23.00 31.64
CA GLY A 373 16.93 22.51 31.23
C GLY A 373 17.20 22.84 29.78
N ARG A 374 18.42 22.52 29.37
CA ARG A 374 18.83 22.74 27.99
C ARG A 374 18.14 21.73 27.08
N THR A 375 18.33 21.92 25.78
CA THR A 375 17.75 21.00 24.81
C THR A 375 18.58 19.72 24.73
N GLY A 376 17.91 18.58 24.79
CA GLY A 376 18.61 17.31 24.78
C GLY A 376 19.14 16.88 26.12
N CYS A 377 18.64 17.46 27.22
CA CYS A 377 19.13 17.13 28.55
C CYS A 377 18.32 16.04 29.22
N GLY A 378 17.42 15.38 28.50
CA GLY A 378 16.67 14.26 29.03
C GLY A 378 15.30 14.57 29.58
N LYS A 379 14.74 15.74 29.28
CA LYS A 379 13.45 16.12 29.84
C LYS A 379 12.33 15.22 29.31
N SER A 380 12.27 15.01 27.99
CA SER A 380 11.23 14.15 27.43
C SER A 380 11.58 12.68 27.54
N THR A 381 12.82 12.34 27.88
CA THR A 381 13.15 10.95 28.18
C THR A 381 12.64 10.57 29.56
N LEU A 382 12.66 11.52 30.50
CA LEU A 382 12.10 11.28 31.82
C LEU A 382 10.60 11.02 31.74
N LEU A 383 9.87 11.87 31.01
CA LEU A 383 8.42 11.77 30.94
C LEU A 383 7.95 10.51 30.24
N GLN A 384 8.82 9.79 29.54
CA GLN A 384 8.46 8.51 28.96
C GLN A 384 8.83 7.34 29.87
N GLN A 385 9.74 7.54 30.82
CA GLN A 385 9.95 6.56 31.87
C GLN A 385 8.70 6.41 32.72
N LEU A 386 8.08 7.55 33.07
CA LEU A 386 6.85 7.54 33.85
C LEU A 386 5.70 6.88 33.11
N THR A 387 5.77 6.78 31.79
CA THR A 387 4.71 6.21 30.99
C THR A 387 4.98 4.74 30.67
N ARG A 388 6.05 4.17 31.23
CA ARG A 388 6.46 2.80 30.96
C ARG A 388 6.73 2.59 29.46
N ALA A 389 7.33 3.60 28.83
CA ALA A 389 7.77 3.44 27.45
C ALA A 389 8.93 2.47 27.36
N TRP A 390 9.88 2.58 28.28
CA TRP A 390 10.97 1.63 28.42
C TRP A 390 11.11 1.25 29.88
N ASP A 391 11.89 0.22 30.13
CA ASP A 391 12.15 -0.15 31.51
C ASP A 391 13.44 0.52 31.98
N PRO A 392 13.43 1.18 33.13
CA PRO A 392 14.66 1.78 33.64
C PRO A 392 15.69 0.71 34.00
N GLN A 393 16.95 1.08 33.93
CA GLN A 393 18.05 0.18 34.25
C GLN A 393 18.58 0.51 35.64
N GLN A 394 18.57 -0.49 36.53
CA GLN A 394 18.96 -0.35 37.94
C GLN A 394 18.43 0.94 38.56
N GLY A 395 17.19 1.31 38.21
CA GLY A 395 16.49 2.39 38.86
C GLY A 395 15.14 1.93 39.35
N GLU A 396 14.43 2.83 40.03
CA GLU A 396 13.13 2.50 40.58
C GLU A 396 12.19 3.69 40.51
N ILE A 397 11.02 3.47 39.94
CA ILE A 397 9.94 4.46 39.88
C ILE A 397 8.73 3.86 40.57
N LEU A 398 8.17 4.61 41.52
CA LEU A 398 7.04 4.14 42.31
C LEU A 398 5.88 5.13 42.19
N LEU A 399 4.69 4.61 41.90
CA LEU A 399 3.47 5.40 41.91
C LEU A 399 2.70 5.09 43.19
N ASN A 400 2.42 6.12 43.98
CA ASN A 400 1.72 5.98 45.26
C ASN A 400 2.43 4.96 46.16
N ASP A 401 3.75 5.06 46.22
CA ASP A 401 4.61 4.20 47.03
C ASP A 401 4.49 2.72 46.63
N SER A 402 4.10 2.46 45.40
CA SER A 402 4.04 1.12 44.84
C SER A 402 4.73 1.11 43.48
N PRO A 403 5.38 0.01 43.12
CA PRO A 403 6.17 0.00 41.87
C PRO A 403 5.29 0.26 40.66
N ILE A 404 5.84 1.01 39.71
CA ILE A 404 5.11 1.31 38.48
C ILE A 404 5.01 0.09 37.58
N ALA A 405 5.89 -0.89 37.75
CA ALA A 405 5.83 -2.11 36.96
C ALA A 405 4.75 -3.07 37.43
N SER A 406 4.14 -2.82 38.57
CA SER A 406 3.09 -3.68 39.11
C SER A 406 1.69 -3.25 38.71
N LEU A 407 1.57 -2.20 37.90
CA LEU A 407 0.27 -1.71 37.47
C LEU A 407 -0.16 -2.37 36.18
N ASN A 408 -1.43 -2.78 36.13
CA ASN A 408 -2.00 -3.26 34.88
C ASN A 408 -2.00 -2.14 33.85
N GLU A 409 -1.81 -2.51 32.58
CA GLU A 409 -1.73 -1.51 31.53
C GLU A 409 -3.02 -0.71 31.41
N ALA A 410 -4.17 -1.39 31.52
CA ALA A 410 -5.44 -0.68 31.45
C ALA A 410 -5.58 0.32 32.59
N ALA A 411 -4.99 0.03 33.74
CA ALA A 411 -5.04 0.95 34.87
C ALA A 411 -3.92 1.97 34.85
N LEU A 412 -2.78 1.65 34.22
CA LEU A 412 -1.70 2.62 34.11
C LEU A 412 -2.09 3.78 33.22
N ARG A 413 -2.78 3.50 32.11
CA ARG A 413 -3.15 4.55 31.18
C ARG A 413 -4.15 5.52 31.76
N GLN A 414 -4.98 5.07 32.71
CA GLN A 414 -5.98 5.93 33.33
C GLN A 414 -5.43 6.76 34.47
N THR A 415 -4.21 6.49 34.95
CA THR A 415 -3.61 7.26 36.02
C THR A 415 -2.65 8.34 35.51
N ILE A 416 -2.44 8.44 34.21
CA ILE A 416 -1.48 9.37 33.64
C ILE A 416 -2.07 10.03 32.41
N SER A 417 -1.96 11.35 32.32
CA SER A 417 -2.33 12.12 31.15
C SER A 417 -1.09 12.81 30.60
N VAL A 418 -0.83 12.64 29.32
CA VAL A 418 0.40 13.13 28.69
C VAL A 418 0.04 14.06 27.54
N VAL A 419 0.70 15.22 27.50
CA VAL A 419 0.67 16.09 26.33
C VAL A 419 2.04 15.95 25.66
N PRO A 420 2.14 15.22 24.55
CA PRO A 420 3.45 14.98 23.94
C PRO A 420 4.00 16.24 23.31
N GLN A 421 5.32 16.27 23.15
CA GLN A 421 5.96 17.40 22.48
C GLN A 421 5.63 17.42 20.99
N ARG A 422 5.39 16.26 20.40
CA ARG A 422 5.06 16.14 18.98
C ARG A 422 3.64 15.59 18.87
N VAL A 423 2.68 16.50 18.74
CA VAL A 423 1.27 16.11 18.65
C VAL A 423 1.01 15.44 17.31
N HIS A 424 0.10 14.47 17.32
CA HIS A 424 -0.34 13.79 16.11
C HIS A 424 -1.80 14.11 15.84
N LEU A 425 -2.10 14.48 14.60
CA LEU A 425 -3.47 14.69 14.14
C LEU A 425 -3.87 13.49 13.29
N PHE A 426 -4.74 12.65 13.82
CA PHE A 426 -5.14 11.46 13.09
C PHE A 426 -6.05 11.83 11.91
N SER A 427 -6.17 10.89 10.98
CA SER A 427 -7.02 11.10 9.82
C SER A 427 -8.49 11.17 10.16
N ALA A 428 -8.89 10.77 11.36
CA ALA A 428 -10.30 10.64 11.69
C ALA A 428 -10.96 12.01 11.85
N THR A 429 -12.22 12.00 12.25
CA THR A 429 -12.99 13.22 12.39
C THR A 429 -12.53 14.01 13.61
N LEU A 430 -13.10 15.21 13.77
CA LEU A 430 -12.80 16.02 14.94
C LEU A 430 -13.31 15.33 16.21
N ARG A 431 -14.48 14.70 16.13
CA ARG A 431 -14.98 13.95 17.27
C ARG A 431 -14.06 12.80 17.62
N ASP A 432 -13.59 12.06 16.61
CA ASP A 432 -12.76 10.89 16.86
C ASP A 432 -11.32 11.26 17.21
N ASN A 433 -10.89 12.47 16.89
CA ASN A 433 -9.58 12.93 17.34
C ASN A 433 -9.59 13.32 18.81
N LEU A 434 -10.77 13.48 19.41
CA LEU A 434 -10.90 13.80 20.81
C LEU A 434 -11.41 12.63 21.65
N LEU A 435 -11.93 11.58 21.03
CA LEU A 435 -12.40 10.41 21.76
C LEU A 435 -11.29 9.42 22.04
N LEU A 436 -10.04 9.73 21.71
CA LEU A 436 -8.93 8.92 22.17
C LEU A 436 -8.90 8.89 23.69
N ALA A 437 -9.00 10.05 24.31
CA ALA A 437 -9.16 10.17 25.75
C ALA A 437 -10.63 10.39 26.06
N SER A 438 -11.14 9.68 27.06
CA SER A 438 -12.55 9.72 27.43
C SER A 438 -13.43 9.32 26.25
N PRO A 439 -13.41 8.05 25.85
CA PRO A 439 -14.30 7.61 24.76
C PRO A 439 -15.78 7.79 25.07
N GLY A 440 -16.17 7.77 26.33
CA GLY A 440 -17.57 7.86 26.70
C GLY A 440 -18.14 9.26 26.74
N SER A 441 -17.33 10.27 26.43
CA SER A 441 -17.81 11.65 26.49
C SER A 441 -18.84 11.90 25.39
N SER A 442 -19.81 12.75 25.71
CA SER A 442 -20.83 13.15 24.75
C SER A 442 -20.33 14.32 23.90
N ASP A 443 -21.05 14.59 22.81
CA ASP A 443 -20.65 15.66 21.91
C ASP A 443 -20.71 17.02 22.58
N GLU A 444 -21.57 17.19 23.59
CA GLU A 444 -21.58 18.42 24.36
C GLU A 444 -20.31 18.56 25.19
N ALA A 445 -19.83 17.46 25.77
CA ALA A 445 -18.57 17.50 26.50
C ALA A 445 -17.40 17.81 25.57
N LEU A 446 -17.39 17.19 24.39
CA LEU A 446 -16.34 17.49 23.42
C LEU A 446 -16.39 18.94 22.97
N SER A 447 -17.60 19.43 22.66
CA SER A 447 -17.73 20.82 22.22
C SER A 447 -17.46 21.80 23.35
N GLU A 448 -17.64 21.38 24.60
CA GLU A 448 -17.36 22.28 25.71
C GLU A 448 -15.86 22.50 25.87
N ILE A 449 -15.07 21.43 25.82
CA ILE A 449 -13.63 21.56 26.02
C ILE A 449 -12.99 22.26 24.83
N LEU A 450 -13.60 22.17 23.64
CA LEU A 450 -13.05 22.86 22.48
C LEU A 450 -13.09 24.37 22.65
N ARG A 451 -14.18 24.88 23.23
CA ARG A 451 -14.27 26.32 23.46
C ARG A 451 -13.39 26.75 24.63
N ARG A 452 -13.15 25.84 25.58
CA ARG A 452 -12.29 26.18 26.72
C ARG A 452 -10.86 26.46 26.27
N VAL A 453 -10.34 25.64 25.35
CA VAL A 453 -8.97 25.82 24.87
C VAL A 453 -8.86 26.88 23.77
N GLY A 454 -9.98 27.39 23.29
CA GLY A 454 -9.97 28.44 22.28
C GLY A 454 -10.23 28.00 20.86
N LEU A 455 -10.53 26.72 20.63
CA LEU A 455 -10.82 26.23 19.29
C LEU A 455 -12.30 26.31 18.96
N GLU A 456 -12.88 27.49 19.15
CA GLU A 456 -14.30 27.67 18.86
C GLU A 456 -14.56 27.61 17.36
N LYS A 457 -13.56 27.94 16.54
CA LYS A 457 -13.75 27.94 15.10
C LYS A 457 -13.58 26.57 14.48
N LEU A 458 -13.27 25.54 15.27
CA LEU A 458 -13.30 24.18 14.77
C LEU A 458 -14.71 23.61 14.76
N LEU A 459 -15.63 24.29 15.45
CA LEU A 459 -17.05 23.84 15.53
C LEU A 459 -17.86 24.49 14.41
N GLU A 460 -17.22 25.33 13.60
CA GLU A 460 -17.87 26.02 12.45
C GLU A 460 -18.11 25.02 11.30
N ASP A 461 -19.10 25.30 10.45
CA ASP A 461 -19.41 24.42 9.30
C ASP A 461 -19.74 23.01 9.82
N ALA A 462 -19.00 22.00 9.33
CA ALA A 462 -19.21 20.59 9.74
C ALA A 462 -18.96 20.45 11.25
N GLY A 463 -17.96 21.15 11.79
CA GLY A 463 -17.65 21.08 13.23
C GLY A 463 -17.14 19.71 13.66
N LEU A 464 -17.83 19.07 14.59
CA LEU A 464 -17.41 17.74 15.14
C LEU A 464 -17.33 16.70 14.02
N ASN A 465 -18.28 16.73 13.07
CA ASN A 465 -18.32 15.78 11.93
C ASN A 465 -17.17 16.03 10.93
N SER A 466 -16.60 17.24 10.90
CA SER A 466 -15.54 17.59 9.92
C SER A 466 -14.33 16.67 10.07
N TRP A 467 -13.76 16.26 8.93
CA TRP A 467 -12.57 15.35 8.85
C TRP A 467 -11.29 16.17 9.07
N LEU A 468 -10.33 15.60 9.81
CA LEU A 468 -9.07 16.24 10.11
C LEU A 468 -7.92 15.38 9.64
N GLY A 469 -6.72 15.95 9.67
CA GLY A 469 -5.54 15.22 9.27
C GLY A 469 -5.43 15.08 7.76
N GLU A 470 -4.65 14.09 7.35
CA GLU A 470 -4.49 13.80 5.93
C GLU A 470 -5.82 13.38 5.34
N GLY A 471 -6.13 13.92 4.16
CA GLY A 471 -7.43 13.69 3.56
C GLY A 471 -8.54 14.57 4.07
N GLY A 472 -8.22 15.55 4.89
CA GLY A 472 -9.21 16.46 5.43
C GLY A 472 -8.57 17.79 5.76
N ARG A 473 -9.09 18.45 6.78
CA ARG A 473 -8.56 19.74 7.20
C ARG A 473 -7.33 19.55 8.07
N GLN A 474 -6.24 20.22 7.70
CA GLN A 474 -5.03 20.22 8.51
C GLN A 474 -5.06 21.38 9.50
N LEU A 475 -4.54 21.13 10.69
CA LEU A 475 -4.53 22.15 11.73
C LEU A 475 -3.18 22.85 11.77
N SER A 476 -3.20 24.08 12.29
CA SER A 476 -1.99 24.87 12.38
C SER A 476 -1.11 24.36 13.52
N GLY A 477 0.05 24.99 13.71
CA GLY A 477 0.93 24.58 14.78
C GLY A 477 0.35 24.88 16.15
N GLY A 478 -0.34 26.00 16.29
CA GLY A 478 -0.95 26.33 17.57
C GLY A 478 -2.24 25.59 17.82
N GLU A 479 -2.97 25.25 16.76
CA GLU A 479 -4.20 24.49 16.92
C GLU A 479 -3.90 23.04 17.28
N LEU A 480 -2.83 22.48 16.72
CA LEU A 480 -2.41 21.14 17.11
C LEU A 480 -1.97 21.10 18.57
N ARG A 481 -1.39 22.20 19.05
CA ARG A 481 -0.94 22.24 20.44
C ARG A 481 -2.12 22.27 21.40
N ARG A 482 -3.19 22.99 21.03
CA ARG A 482 -4.37 23.07 21.88
C ARG A 482 -5.32 21.90 21.69
N LEU A 483 -5.12 21.08 20.66
CA LEU A 483 -5.88 19.83 20.54
C LEU A 483 -5.32 18.75 21.46
N ALA A 484 -4.00 18.74 21.68
CA ALA A 484 -3.43 17.79 22.62
C ALA A 484 -3.77 18.15 24.05
N ILE A 485 -3.90 19.44 24.35
CA ILE A 485 -4.36 19.87 25.66
C ILE A 485 -5.81 19.46 25.88
N ALA A 486 -6.62 19.52 24.81
CA ALA A 486 -8.01 19.09 24.91
C ALA A 486 -8.12 17.59 25.10
N ARG A 487 -7.15 16.83 24.60
CA ARG A 487 -7.15 15.39 24.84
C ARG A 487 -6.80 15.09 26.29
N ALA A 488 -5.76 15.74 26.82
CA ALA A 488 -5.36 15.50 28.20
C ALA A 488 -6.40 15.99 29.18
N LEU A 489 -7.09 17.09 28.87
CA LEU A 489 -8.16 17.58 29.73
C LEU A 489 -9.31 16.59 29.78
N LEU A 490 -9.63 15.96 28.64
CA LEU A 490 -10.71 14.98 28.61
C LEU A 490 -10.34 13.70 29.34
N HIS A 491 -9.06 13.34 29.35
CA HIS A 491 -8.64 12.10 29.99
C HIS A 491 -8.90 12.13 31.48
N ASP A 492 -8.64 13.27 32.13
CA ASP A 492 -8.93 13.47 33.55
C ASP A 492 -8.21 12.44 34.42
N ALA A 493 -6.92 12.25 34.15
CA ALA A 493 -6.13 11.32 34.96
C ALA A 493 -5.55 12.04 36.18
N PRO A 494 -5.30 11.30 37.27
CA PRO A 494 -4.75 11.96 38.48
C PRO A 494 -3.40 12.61 38.25
N LEU A 495 -2.54 12.00 37.44
CA LEU A 495 -1.20 12.52 37.18
C LEU A 495 -1.13 13.00 35.73
N VAL A 496 -0.65 14.23 35.54
CA VAL A 496 -0.63 14.87 34.23
C VAL A 496 0.80 15.27 33.90
N LEU A 497 1.31 14.78 32.78
CA LEU A 497 2.65 15.10 32.32
C LEU A 497 2.56 15.96 31.07
N LEU A 498 2.92 17.23 31.19
CA LEU A 498 2.86 18.18 30.09
C LEU A 498 4.27 18.41 29.56
N ASP A 499 4.46 18.19 28.27
CA ASP A 499 5.76 18.36 27.61
C ASP A 499 5.70 19.64 26.78
N GLN A 500 6.05 20.75 27.41
CA GLN A 500 5.97 22.07 26.79
C GLN A 500 4.60 22.33 26.17
N PRO A 501 3.54 22.36 26.98
CA PRO A 501 2.19 22.48 26.42
C PRO A 501 1.95 23.79 25.69
N THR A 502 2.56 24.89 26.14
CA THR A 502 2.41 26.18 25.47
C THR A 502 3.63 26.48 24.59
N GLU A 503 3.82 25.64 23.58
CA GLU A 503 4.90 25.82 22.61
C GLU A 503 4.32 26.20 21.27
N GLY A 504 4.81 27.30 20.70
CA GLY A 504 4.27 27.81 19.46
C GLY A 504 3.04 28.68 19.61
N LEU A 505 2.64 28.99 20.84
CA LEU A 505 1.51 29.87 21.10
C LEU A 505 2.02 31.26 21.40
N ASP A 506 1.25 32.27 20.99
CA ASP A 506 1.63 33.65 21.26
C ASP A 506 1.45 33.98 22.74
N ALA A 507 1.77 35.22 23.10
CA ALA A 507 1.68 35.62 24.50
C ALA A 507 0.25 35.56 25.01
N THR A 508 -0.70 36.03 24.22
CA THR A 508 -2.09 36.11 24.68
C THR A 508 -2.70 34.73 24.86
N THR A 509 -2.55 33.86 23.86
CA THR A 509 -3.16 32.53 23.95
C THR A 509 -2.50 31.69 25.03
N GLU A 510 -1.16 31.79 25.16
CA GLU A 510 -0.46 31.01 26.16
C GLU A 510 -0.93 31.35 27.57
N SER A 511 -1.08 32.64 27.87
CA SER A 511 -1.62 33.04 29.15
C SER A 511 -3.06 32.55 29.32
N GLN A 512 -3.83 32.58 28.23
CA GLN A 512 -5.20 32.09 28.27
C GLN A 512 -5.25 30.60 28.55
N ILE A 513 -4.26 29.85 28.05
CA ILE A 513 -4.23 28.41 28.27
C ILE A 513 -3.64 28.09 29.65
N LEU A 514 -2.56 28.77 30.02
CA LEU A 514 -1.97 28.53 31.34
C LEU A 514 -2.96 28.81 32.46
N GLU A 515 -3.77 29.87 32.30
CA GLU A 515 -4.84 30.12 33.26
C GLU A 515 -5.88 29.01 33.25
N LEU A 516 -6.17 28.46 32.06
CA LEU A 516 -7.11 27.34 31.99
C LEU A 516 -6.54 26.10 32.68
N LEU A 517 -5.26 25.83 32.49
CA LEU A 517 -4.64 24.68 33.14
C LEU A 517 -4.58 24.87 34.66
N ALA A 518 -4.50 26.13 35.11
CA ALA A 518 -4.43 26.38 36.55
C ALA A 518 -5.71 25.92 37.25
N GLU A 519 -6.87 26.14 36.64
CA GLU A 519 -8.12 25.78 37.28
C GLU A 519 -8.56 24.36 36.97
N MET A 520 -8.22 23.85 35.77
CA MET A 520 -8.62 22.50 35.41
C MET A 520 -7.76 21.45 36.10
N MET A 521 -6.46 21.74 36.27
CA MET A 521 -5.52 20.79 36.84
C MET A 521 -5.39 20.94 38.34
N ARG A 522 -6.27 21.73 38.96
CA ARG A 522 -6.27 21.96 40.43
C ARG A 522 -6.45 20.61 41.13
N GLU A 523 -5.70 20.38 42.22
CA GLU A 523 -5.72 19.13 42.97
C GLU A 523 -5.34 17.94 42.07
N LYS A 524 -4.39 18.16 41.18
CA LYS A 524 -3.86 17.10 40.32
C LYS A 524 -2.35 17.24 40.23
N THR A 525 -1.67 16.10 40.24
CA THR A 525 -0.21 16.11 40.16
C THR A 525 0.23 16.42 38.74
N VAL A 526 1.03 17.47 38.58
CA VAL A 526 1.43 17.97 37.27
C VAL A 526 2.94 18.02 37.19
N LEU A 527 3.50 17.46 36.12
CA LEU A 527 4.93 17.51 35.81
C LEU A 527 5.05 18.18 34.45
N MET A 528 5.18 19.51 34.44
CA MET A 528 5.12 20.29 33.21
C MET A 528 6.52 20.74 32.82
N VAL A 529 7.05 20.15 31.75
CA VAL A 529 8.33 20.55 31.18
C VAL A 529 8.12 21.82 30.38
N THR A 530 8.95 22.84 30.62
CA THR A 530 8.89 24.09 29.89
C THR A 530 10.28 24.61 29.58
N HIS A 531 10.36 25.49 28.59
CA HIS A 531 11.55 26.28 28.33
C HIS A 531 11.35 27.76 28.64
N ARG A 532 10.17 28.14 29.10
CA ARG A 532 9.84 29.54 29.38
C ARG A 532 9.80 29.76 30.88
N LEU A 533 10.56 30.75 31.35
CA LEU A 533 10.63 31.06 32.77
C LEU A 533 9.45 31.89 33.26
N ARG A 534 8.45 32.11 32.39
CA ARG A 534 7.29 32.96 32.77
C ARG A 534 6.21 32.18 33.51
N GLY A 535 5.78 32.70 34.67
CA GLY A 535 4.72 32.10 35.45
C GLY A 535 5.08 30.84 36.20
N LEU A 536 6.29 30.76 36.74
CA LEU A 536 6.71 29.64 37.55
C LEU A 536 6.51 29.87 39.04
N SER A 537 6.00 31.05 39.43
CA SER A 537 5.79 31.34 40.85
C SER A 537 4.64 30.54 41.44
N ARG A 538 3.83 29.88 40.62
CA ARG A 538 2.72 29.07 41.08
C ARG A 538 3.09 27.61 41.25
N PHE A 539 4.34 27.24 41.02
CA PHE A 539 4.80 25.87 41.09
C PHE A 539 5.47 25.61 42.44
N GLN A 540 5.18 24.45 43.02
CA GLN A 540 5.75 24.12 44.32
C GLN A 540 7.24 23.87 44.24
N GLN A 541 7.72 23.31 43.12
CA GLN A 541 9.13 23.03 42.95
C GLN A 541 9.53 23.36 41.51
N ILE A 542 10.82 23.63 41.34
CA ILE A 542 11.41 23.87 40.02
C ILE A 542 12.59 22.92 39.87
N ILE A 543 12.63 22.19 38.77
CA ILE A 543 13.68 21.20 38.50
C ILE A 543 14.49 21.70 37.31
N VAL A 544 15.81 21.75 37.47
CA VAL A 544 16.72 22.17 36.41
C VAL A 544 17.60 20.97 36.07
N MET A 545 17.41 20.41 34.88
CA MET A 545 18.14 19.24 34.44
C MET A 545 19.27 19.66 33.50
N ASP A 546 20.44 19.04 33.67
CA ASP A 546 21.58 19.27 32.80
C ASP A 546 22.25 17.94 32.51
N ASN A 547 22.27 17.55 31.23
CA ASN A 547 22.93 16.33 30.78
C ASN A 547 22.39 15.11 31.51
N GLY A 548 21.06 15.03 31.61
CA GLY A 548 20.41 13.86 32.17
C GLY A 548 20.47 13.73 33.67
N GLN A 549 20.68 14.83 34.40
CA GLN A 549 20.77 14.78 35.84
C GLN A 549 20.20 16.06 36.43
N ILE A 550 19.56 15.94 37.59
CA ILE A 550 18.97 17.11 38.24
C ILE A 550 20.08 17.94 38.90
N ILE A 551 20.10 19.23 38.58
CA ILE A 551 21.11 20.13 39.11
C ILE A 551 20.58 20.96 40.27
N GLU A 552 19.45 21.63 40.08
CA GLU A 552 18.84 22.46 41.10
C GLU A 552 17.42 22.01 41.37
N GLN A 553 16.95 22.24 42.59
CA GLN A 553 15.61 21.82 43.00
C GLN A 553 15.15 22.71 44.13
N GLY A 554 13.94 23.22 44.02
CA GLY A 554 13.36 24.06 45.05
C GLY A 554 12.33 24.99 44.47
N THR A 555 11.80 25.85 45.34
CA THR A 555 10.78 26.81 44.96
C THR A 555 11.39 27.90 44.06
N HIS A 556 10.61 28.42 43.09
CA HIS A 556 11.05 29.56 42.24
C HIS A 556 11.67 30.67 43.11
N ALA A 557 11.01 31.07 44.22
CA ALA A 557 11.60 32.13 45.05
C ALA A 557 12.98 31.71 45.56
N GLU A 558 13.12 30.44 45.94
CA GLU A 558 14.41 29.96 46.44
C GLU A 558 15.48 29.96 45.36
N LEU A 559 15.12 29.57 44.14
CA LEU A 559 16.13 29.44 43.08
C LEU A 559 16.71 30.78 42.70
N LEU A 560 15.90 31.83 42.64
CA LEU A 560 16.40 33.15 42.28
C LEU A 560 17.40 33.66 43.32
N ALA A 561 17.14 33.38 44.59
CA ALA A 561 18.03 33.84 45.65
C ALA A 561 19.41 33.21 45.54
N ARG A 562 19.46 31.91 45.22
CA ARG A 562 20.73 31.20 45.15
C ARG A 562 21.45 31.40 43.81
N GLN A 563 20.84 32.11 42.88
CA GLN A 563 21.44 32.40 41.57
C GLN A 563 21.82 31.12 40.82
N ASN B 2 -21.14 5.55 -12.55
CA ASN B 2 -21.53 6.35 -13.71
C ASN B 2 -20.95 5.76 -14.98
N LYS B 3 -21.83 5.32 -15.88
CA LYS B 3 -21.36 4.70 -17.13
C LYS B 3 -20.70 5.72 -18.04
N SER B 4 -21.01 7.01 -17.89
CA SER B 4 -20.30 8.03 -18.65
C SER B 4 -18.87 8.19 -18.18
N ARG B 5 -18.65 8.04 -16.87
CA ARG B 5 -17.30 8.12 -16.32
C ARG B 5 -16.45 6.93 -16.77
N GLN B 6 -17.07 5.76 -16.89
CA GLN B 6 -16.32 4.57 -17.28
C GLN B 6 -15.75 4.70 -18.69
N LYS B 7 -16.53 5.27 -19.62
CA LYS B 7 -16.02 5.47 -20.96
C LYS B 7 -14.89 6.48 -20.99
N GLU B 8 -14.95 7.48 -20.11
CA GLU B 8 -13.86 8.44 -20.00
C GLU B 8 -12.59 7.76 -19.48
N LEU B 9 -12.74 6.84 -18.53
CA LEU B 9 -11.59 6.11 -18.02
C LEU B 9 -11.04 5.14 -19.06
N THR B 10 -11.92 4.51 -19.85
CA THR B 10 -11.46 3.54 -20.83
C THR B 10 -10.74 4.22 -21.99
N ARG B 11 -11.17 5.44 -22.29
CA ARG B 11 -10.50 6.26 -23.35
C ARG B 11 -9.11 6.62 -22.83
N TRP B 12 -9.01 7.00 -21.55
CA TRP B 12 -7.74 7.31 -20.92
C TRP B 12 -6.83 6.09 -20.84
N LEU B 13 -7.39 4.94 -20.46
CA LEU B 13 -6.61 3.72 -20.40
C LEU B 13 -6.10 3.32 -21.77
N LYS B 14 -6.92 3.48 -22.80
CA LYS B 14 -6.53 3.02 -24.13
C LYS B 14 -5.50 3.96 -24.74
N GLN B 15 -5.51 5.24 -24.37
CA GLN B 15 -4.50 6.17 -24.88
C GLN B 15 -3.12 5.82 -24.38
N GLN B 16 -3.01 5.23 -23.20
CA GLN B 16 -1.71 4.91 -22.62
C GLN B 16 -1.08 3.67 -23.23
N SER B 17 -1.79 2.95 -24.09
CA SER B 17 -1.28 1.74 -24.70
C SER B 17 -0.58 1.99 -26.03
N VAL B 18 -0.47 3.25 -26.46
CA VAL B 18 0.19 3.55 -27.74
C VAL B 18 1.71 3.52 -27.63
N ILE B 19 2.25 3.47 -26.40
CA ILE B 19 3.68 3.29 -26.24
C ILE B 19 4.11 1.91 -26.71
N SER B 20 3.33 0.89 -26.37
CA SER B 20 3.65 -0.51 -26.66
C SER B 20 2.78 -1.08 -27.76
N GLN B 21 2.50 -0.29 -28.79
CA GLN B 21 1.67 -0.77 -29.89
C GLN B 21 2.36 -1.91 -30.64
N ARG B 22 3.68 -1.82 -30.82
CA ARG B 22 4.39 -2.89 -31.50
C ARG B 22 4.36 -4.19 -30.69
N TRP B 23 4.29 -4.09 -29.37
CA TRP B 23 4.23 -5.28 -28.54
C TRP B 23 2.87 -5.95 -28.64
N LEU B 24 1.80 -5.16 -28.62
CA LEU B 24 0.46 -5.72 -28.70
C LEU B 24 0.20 -6.39 -30.05
N ASN B 25 0.73 -5.81 -31.12
CA ASN B 25 0.51 -6.37 -32.45
C ASN B 25 1.21 -7.71 -32.62
N ILE B 26 2.40 -7.87 -32.04
CA ILE B 26 3.11 -9.13 -32.11
C ILE B 26 2.33 -10.22 -31.37
N SER B 27 1.80 -9.88 -30.19
CA SER B 27 1.04 -10.86 -29.42
C SER B 27 -0.23 -11.28 -30.13
N ARG B 28 -0.91 -10.34 -30.79
CA ARG B 28 -2.08 -10.69 -31.59
C ARG B 28 -1.70 -11.64 -32.71
N LEU B 29 -0.58 -11.37 -33.39
CA LEU B 29 -0.12 -12.27 -34.43
C LEU B 29 0.24 -13.64 -33.88
N LEU B 30 0.95 -13.67 -32.76
CA LEU B 30 1.35 -14.95 -32.16
C LEU B 30 0.15 -15.73 -31.66
N GLY B 31 -0.85 -15.04 -31.14
CA GLY B 31 -2.07 -15.73 -30.73
C GLY B 31 -2.82 -16.33 -31.89
N PHE B 32 -2.82 -15.64 -33.04
CA PHE B 32 -3.45 -16.18 -34.23
C PHE B 32 -2.68 -17.39 -34.75
N VAL B 33 -1.36 -17.36 -34.67
CA VAL B 33 -0.56 -18.51 -35.11
C VAL B 33 -0.83 -19.72 -34.23
N SER B 34 -1.06 -19.48 -32.93
CA SER B 34 -1.47 -20.59 -32.05
C SER B 34 -2.82 -21.15 -32.47
N GLY B 35 -3.67 -20.34 -33.09
CA GLY B 35 -4.92 -20.87 -33.62
C GLY B 35 -4.71 -21.83 -34.77
N ILE B 36 -3.82 -21.49 -35.70
CA ILE B 36 -3.53 -22.38 -36.83
C ILE B 36 -2.88 -23.66 -36.34
N LEU B 37 -1.94 -23.56 -35.41
CA LEU B 37 -1.23 -24.73 -34.92
C LEU B 37 -2.16 -25.67 -34.15
N ILE B 38 -3.19 -25.12 -33.52
CA ILE B 38 -4.17 -25.99 -32.84
C ILE B 38 -4.97 -26.79 -33.86
N ILE B 39 -5.38 -26.15 -34.96
CA ILE B 39 -6.11 -26.86 -36.00
C ILE B 39 -5.24 -27.93 -36.65
N ALA B 40 -3.99 -27.58 -36.94
CA ALA B 40 -3.08 -28.55 -37.53
C ALA B 40 -2.85 -29.74 -36.60
N GLN B 41 -2.70 -29.47 -35.30
CA GLN B 41 -2.54 -30.55 -34.34
C GLN B 41 -3.78 -31.43 -34.28
N ALA B 42 -4.97 -30.81 -34.29
CA ALA B 42 -6.20 -31.59 -34.22
C ALA B 42 -6.39 -32.44 -35.46
N TRP B 43 -6.05 -31.89 -36.64
CA TRP B 43 -6.23 -32.65 -37.88
C TRP B 43 -5.35 -33.88 -37.91
N PHE B 44 -4.11 -33.76 -37.43
CA PHE B 44 -3.20 -34.91 -37.48
C PHE B 44 -3.59 -35.95 -36.44
N MET B 45 -3.99 -35.53 -35.24
CA MET B 45 -4.41 -36.49 -34.23
C MET B 45 -5.69 -37.20 -34.66
N ALA B 46 -6.64 -36.47 -35.26
CA ALA B 46 -7.86 -37.10 -35.75
C ALA B 46 -7.57 -38.03 -36.91
N ARG B 47 -6.69 -37.61 -37.82
CA ARG B 47 -6.36 -38.46 -38.96
C ARG B 47 -5.64 -39.73 -38.52
N ILE B 48 -4.73 -39.60 -37.54
CA ILE B 48 -4.02 -40.77 -37.04
C ILE B 48 -5.00 -41.76 -36.42
N LEU B 49 -5.90 -41.26 -35.57
CA LEU B 49 -6.79 -42.14 -34.82
C LEU B 49 -7.72 -42.90 -35.76
N GLN B 50 -8.22 -42.25 -36.81
CA GLN B 50 -9.07 -42.92 -37.77
C GLN B 50 -8.33 -44.07 -38.45
N HIS B 51 -7.08 -43.84 -38.84
CA HIS B 51 -6.31 -44.87 -39.53
C HIS B 51 -6.09 -46.09 -38.63
N MET B 52 -5.79 -45.86 -37.35
CA MET B 52 -5.48 -46.98 -36.46
C MET B 52 -6.74 -47.73 -36.06
N ILE B 53 -7.85 -47.02 -35.86
CA ILE B 53 -9.06 -47.64 -35.34
C ILE B 53 -9.92 -48.19 -36.48
N MET B 54 -10.35 -47.32 -37.39
CA MET B 54 -11.22 -47.76 -38.48
C MET B 54 -10.48 -48.65 -39.46
N GLU B 55 -9.48 -48.11 -40.14
CA GLU B 55 -8.81 -48.82 -41.22
C GLU B 55 -7.72 -49.77 -40.73
N ASN B 56 -7.37 -49.68 -39.44
CA ASN B 56 -6.50 -50.67 -38.78
C ASN B 56 -5.12 -50.76 -39.42
N ILE B 57 -4.54 -49.63 -39.80
CA ILE B 57 -3.13 -49.62 -40.22
C ILE B 57 -2.25 -49.78 -38.99
N PRO B 58 -1.25 -50.67 -39.01
CA PRO B 58 -0.32 -50.71 -37.87
C PRO B 58 0.52 -49.45 -37.81
N ARG B 59 0.96 -49.12 -36.59
CA ARG B 59 1.63 -47.84 -36.34
C ARG B 59 2.92 -47.70 -37.13
N GLU B 60 3.52 -48.82 -37.54
CA GLU B 60 4.81 -48.76 -38.23
C GLU B 60 4.69 -48.10 -39.59
N ALA B 61 3.47 -48.00 -40.13
CA ALA B 61 3.27 -47.27 -41.37
C ALA B 61 3.11 -45.77 -41.12
N LEU B 62 2.43 -45.41 -40.04
CA LEU B 62 2.21 -44.00 -39.70
C LEU B 62 3.47 -43.45 -39.05
N LEU B 63 4.30 -42.79 -39.84
CA LEU B 63 5.42 -42.00 -39.34
C LEU B 63 5.36 -40.55 -39.77
N LEU B 64 4.89 -40.28 -40.98
CA LEU B 64 4.70 -38.89 -41.41
C LEU B 64 3.69 -38.16 -40.55
N PRO B 65 2.49 -38.69 -40.27
CA PRO B 65 1.60 -37.96 -39.35
C PRO B 65 2.15 -37.83 -37.94
N PHE B 66 2.88 -38.83 -37.45
CA PHE B 66 3.51 -38.69 -36.13
C PHE B 66 4.60 -37.61 -36.15
N THR B 67 5.42 -37.58 -37.20
CA THR B 67 6.47 -36.59 -37.28
C THR B 67 5.90 -35.19 -37.39
N LEU B 68 4.84 -35.01 -38.18
CA LEU B 68 4.21 -33.71 -38.30
C LEU B 68 3.48 -33.32 -37.03
N LEU B 69 2.89 -34.29 -36.33
CA LEU B 69 2.25 -33.99 -35.05
C LEU B 69 3.26 -33.55 -34.01
N VAL B 70 4.42 -34.20 -33.97
CA VAL B 70 5.47 -33.80 -33.03
C VAL B 70 5.96 -32.39 -33.34
N LEU B 71 6.14 -32.09 -34.63
CA LEU B 71 6.57 -30.74 -35.02
C LEU B 71 5.53 -29.70 -34.64
N THR B 72 4.24 -30.03 -34.77
CA THR B 72 3.19 -29.09 -34.41
C THR B 72 3.18 -28.82 -32.91
N PHE B 73 3.43 -29.85 -32.10
CA PHE B 73 3.49 -29.67 -30.66
C PHE B 73 4.65 -28.78 -30.25
N VAL B 74 5.81 -28.93 -30.91
CA VAL B 74 6.96 -28.11 -30.58
C VAL B 74 6.73 -26.66 -31.00
N LEU B 75 6.09 -26.46 -32.15
CA LEU B 75 5.74 -25.10 -32.57
C LEU B 75 4.70 -24.48 -31.64
N ARG B 76 3.78 -25.30 -31.13
CA ARG B 76 2.79 -24.80 -30.18
C ARG B 76 3.46 -24.30 -28.91
N ALA B 77 4.41 -25.07 -28.37
CA ALA B 77 5.08 -24.67 -27.15
C ALA B 77 5.93 -23.44 -27.35
N TRP B 78 6.58 -23.31 -28.50
CA TRP B 78 7.44 -22.17 -28.76
C TRP B 78 6.64 -20.88 -28.85
N VAL B 79 5.48 -20.93 -29.52
CA VAL B 79 4.65 -19.73 -29.64
C VAL B 79 4.09 -19.34 -28.28
N VAL B 80 3.73 -20.31 -27.46
CA VAL B 80 3.26 -20.02 -26.11
C VAL B 80 4.36 -19.34 -25.30
N TRP B 81 5.60 -19.81 -25.43
CA TRP B 81 6.72 -19.20 -24.73
C TRP B 81 6.93 -17.75 -25.17
N LEU B 82 6.80 -17.49 -26.48
CA LEU B 82 6.99 -16.13 -26.98
C LEU B 82 5.86 -15.22 -26.55
N ARG B 83 4.61 -15.70 -26.67
CA ARG B 83 3.46 -14.83 -26.42
C ARG B 83 3.37 -14.42 -24.96
N GLU B 84 3.83 -15.27 -24.04
CA GLU B 84 3.85 -14.88 -22.63
C GLU B 84 4.85 -13.75 -22.38
N ARG B 85 6.01 -13.80 -23.03
CA ARG B 85 7.01 -12.76 -22.83
C ARG B 85 6.65 -11.49 -23.60
N VAL B 86 6.06 -11.64 -24.78
CA VAL B 86 5.65 -10.48 -25.56
C VAL B 86 4.52 -9.73 -24.85
N GLY B 87 3.63 -10.49 -24.22
CA GLY B 87 2.55 -9.85 -23.48
C GLY B 87 3.04 -9.07 -22.28
N TYR B 88 4.04 -9.61 -21.57
CA TYR B 88 4.55 -8.93 -20.39
C TYR B 88 5.19 -7.59 -20.75
N HIS B 89 5.98 -7.55 -21.81
CA HIS B 89 6.66 -6.31 -22.18
C HIS B 89 5.68 -5.22 -22.55
N ALA B 90 4.52 -5.59 -23.11
CA ALA B 90 3.48 -4.61 -23.36
C ALA B 90 3.00 -3.99 -22.06
N GLY B 91 2.71 -4.82 -21.06
CA GLY B 91 2.22 -4.29 -19.79
C GLY B 91 3.25 -3.52 -19.02
N GLN B 92 4.51 -3.99 -19.02
CA GLN B 92 5.53 -3.35 -18.19
C GLN B 92 5.85 -1.94 -18.67
N HIS B 93 6.01 -1.76 -19.99
CA HIS B 93 6.40 -0.45 -20.50
C HIS B 93 5.29 0.57 -20.35
N ILE B 94 4.03 0.14 -20.43
CA ILE B 94 2.92 1.04 -20.17
C ILE B 94 2.84 1.39 -18.70
N ARG B 95 2.98 0.40 -17.82
CA ARG B 95 2.91 0.65 -16.38
C ARG B 95 4.04 1.56 -15.92
N PHE B 96 5.22 1.42 -16.51
CA PHE B 96 6.32 2.31 -16.18
C PHE B 96 6.05 3.74 -16.65
N ALA B 97 5.29 3.90 -17.73
CA ALA B 97 4.99 5.24 -18.23
C ALA B 97 3.85 5.88 -17.47
N ILE B 98 2.83 5.10 -17.09
CA ILE B 98 1.74 5.64 -16.28
C ILE B 98 2.26 6.11 -14.93
N ARG B 99 3.12 5.31 -14.31
CA ARG B 99 3.66 5.68 -12.99
C ARG B 99 4.53 6.93 -13.08
N ARG B 100 5.26 7.10 -14.18
CA ARG B 100 6.08 8.30 -14.34
C ARG B 100 5.22 9.56 -14.43
N GLN B 101 4.10 9.48 -15.13
CA GLN B 101 3.20 10.64 -15.22
C GLN B 101 2.64 11.00 -13.85
N VAL B 102 2.31 9.99 -13.04
CA VAL B 102 1.75 10.25 -11.73
C VAL B 102 2.79 10.84 -10.81
N LEU B 103 4.01 10.27 -10.82
CA LEU B 103 5.08 10.81 -9.98
C LEU B 103 5.51 12.18 -10.45
N ASP B 104 5.34 12.49 -11.74
CA ASP B 104 5.62 13.83 -12.22
C ASP B 104 4.66 14.85 -11.61
N ARG B 105 3.38 14.51 -11.53
CA ARG B 105 2.39 15.43 -10.97
C ARG B 105 2.47 15.51 -9.46
N LEU B 106 3.01 14.49 -8.79
CA LEU B 106 3.22 14.58 -7.35
C LEU B 106 4.38 15.50 -7.01
N GLN B 107 5.37 15.61 -7.91
CA GLN B 107 6.44 16.58 -7.72
C GLN B 107 5.90 18.00 -7.76
N GLN B 108 4.98 18.27 -8.70
CA GLN B 108 4.42 19.60 -8.85
C GLN B 108 3.28 19.88 -7.88
N ALA B 109 2.72 18.84 -7.25
CA ALA B 109 1.60 19.04 -6.34
C ALA B 109 2.02 19.83 -5.11
N GLY B 110 3.09 19.40 -4.45
CA GLY B 110 3.56 20.05 -3.26
C GLY B 110 2.97 19.42 -2.02
N PRO B 111 3.42 19.86 -0.84
CA PRO B 111 2.87 19.32 0.41
C PRO B 111 1.38 19.57 0.57
N ALA B 112 0.87 20.71 0.09
CA ALA B 112 -0.53 21.03 0.31
C ALA B 112 -1.46 20.07 -0.42
N TRP B 113 -1.07 19.66 -1.63
CA TRP B 113 -1.89 18.73 -2.39
C TRP B 113 -1.62 17.28 -2.04
N ILE B 114 -0.46 16.99 -1.47
CA ILE B 114 -0.18 15.63 -1.01
C ILE B 114 -0.93 15.36 0.29
N GLN B 115 -1.17 16.39 1.09
CA GLN B 115 -1.94 16.23 2.32
C GLN B 115 -3.44 16.09 2.07
N GLY B 116 -3.88 16.17 0.81
CA GLY B 116 -5.26 15.90 0.49
C GLY B 116 -5.63 14.45 0.44
N LYS B 117 -4.66 13.56 0.61
CA LYS B 117 -4.86 12.13 0.66
C LYS B 117 -3.84 11.54 1.62
N PRO B 118 -4.21 10.52 2.39
CA PRO B 118 -3.24 9.90 3.30
C PRO B 118 -2.07 9.30 2.54
N ALA B 119 -0.90 9.30 3.18
CA ALA B 119 0.31 8.79 2.52
C ALA B 119 0.20 7.29 2.25
N GLY B 120 -0.54 6.56 3.08
CA GLY B 120 -0.78 5.16 2.79
C GLY B 120 -1.78 4.93 1.68
N SER B 121 -2.54 5.96 1.32
CA SER B 121 -3.47 5.88 0.20
C SER B 121 -2.85 6.35 -1.10
N TRP B 122 -1.84 7.22 -1.03
CA TRP B 122 -1.02 7.48 -2.20
C TRP B 122 -0.23 6.24 -2.61
N ALA B 123 0.27 5.50 -1.61
CA ALA B 123 1.11 4.34 -1.91
C ALA B 123 0.32 3.27 -2.66
N THR B 124 -0.91 3.00 -2.24
CA THR B 124 -1.73 2.01 -2.94
C THR B 124 -2.21 2.53 -4.29
N LEU B 125 -2.29 3.85 -4.46
CA LEU B 125 -2.59 4.43 -5.77
C LEU B 125 -1.42 4.21 -6.73
N VAL B 126 -0.19 4.33 -6.23
CA VAL B 126 0.97 4.20 -7.11
C VAL B 126 1.36 2.75 -7.27
N LEU B 127 1.29 1.97 -6.20
CA LEU B 127 1.71 0.57 -6.29
C LEU B 127 0.59 -0.32 -6.80
N GLU B 128 -0.50 -0.42 -6.05
CA GLU B 128 -1.51 -1.43 -6.35
C GLU B 128 -2.34 -1.07 -7.56
N GLN B 129 -2.75 0.19 -7.67
CA GLN B 129 -3.68 0.57 -8.73
C GLN B 129 -3.00 0.61 -10.09
N ILE B 130 -1.71 0.94 -10.15
CA ILE B 130 -1.03 0.95 -11.44
C ILE B 130 -0.59 -0.47 -11.81
N ASP B 131 -0.16 -1.26 -10.83
CA ASP B 131 0.23 -2.64 -11.12
C ASP B 131 -0.95 -3.51 -11.51
N ASP B 132 -2.17 -3.08 -11.22
CA ASP B 132 -3.35 -3.87 -11.53
C ASP B 132 -3.95 -3.55 -12.90
N MET B 133 -3.30 -2.67 -13.66
CA MET B 133 -3.64 -2.49 -15.06
C MET B 133 -2.81 -3.35 -15.99
N HIS B 134 -1.94 -4.20 -15.44
CA HIS B 134 -1.07 -5.01 -16.29
C HIS B 134 -1.88 -5.97 -17.16
N ASP B 135 -2.81 -6.70 -16.54
CA ASP B 135 -3.57 -7.68 -17.30
C ASP B 135 -4.52 -7.04 -18.31
N TYR B 136 -4.85 -5.76 -18.15
CA TYR B 136 -5.61 -5.06 -19.17
C TYR B 136 -4.80 -4.87 -20.44
N TYR B 137 -3.51 -4.58 -20.28
CA TYR B 137 -2.63 -4.35 -21.43
C TYR B 137 -1.94 -5.62 -21.89
N ALA B 138 -1.48 -6.45 -20.96
CA ALA B 138 -0.76 -7.66 -21.33
C ALA B 138 -1.69 -8.67 -21.98
N ARG B 139 -2.89 -8.87 -21.43
CA ARG B 139 -3.73 -9.98 -21.82
C ARG B 139 -5.04 -9.59 -22.49
N TYR B 140 -5.66 -8.49 -22.10
CA TYR B 140 -6.99 -8.19 -22.62
C TYR B 140 -6.93 -7.59 -24.02
N LEU B 141 -6.13 -6.54 -24.20
CA LEU B 141 -6.06 -5.87 -25.50
C LEU B 141 -5.73 -6.82 -26.65
N PRO B 142 -4.74 -7.71 -26.55
CA PRO B 142 -4.53 -8.67 -27.64
C PRO B 142 -5.65 -9.69 -27.80
N GLN B 143 -6.49 -9.88 -26.77
CA GLN B 143 -7.48 -10.95 -26.81
C GLN B 143 -8.73 -10.58 -27.58
N MET B 144 -9.03 -9.29 -27.73
CA MET B 144 -10.24 -8.88 -28.45
C MET B 144 -10.19 -9.35 -29.89
N ALA B 145 -9.02 -9.28 -30.52
CA ALA B 145 -8.89 -9.75 -31.90
C ALA B 145 -8.88 -11.27 -31.96
N LEU B 146 -8.21 -11.92 -31.00
CA LEU B 146 -8.17 -13.38 -31.01
C LEU B 146 -9.53 -13.98 -30.69
N ALA B 147 -10.37 -13.27 -29.94
CA ALA B 147 -11.70 -13.76 -29.63
C ALA B 147 -12.60 -13.81 -30.86
N VAL B 148 -12.26 -13.09 -31.92
CA VAL B 148 -13.02 -13.10 -33.15
C VAL B 148 -12.31 -13.89 -34.25
N SER B 149 -10.98 -13.80 -34.30
CA SER B 149 -10.24 -14.45 -35.38
C SER B 149 -10.14 -15.95 -35.18
N VAL B 150 -9.69 -16.39 -34.00
CA VAL B 150 -9.49 -17.83 -33.76
C VAL B 150 -10.79 -18.61 -33.83
N PRO B 151 -11.88 -18.21 -33.17
CA PRO B 151 -13.12 -19.00 -33.29
C PRO B 151 -13.62 -19.13 -34.72
N LEU B 152 -13.51 -18.07 -35.52
CA LEU B 152 -13.91 -18.17 -36.92
C LEU B 152 -12.96 -19.06 -37.71
N LEU B 153 -11.67 -19.01 -37.38
CA LEU B 153 -10.71 -19.88 -38.05
C LEU B 153 -11.00 -21.35 -37.77
N ILE B 154 -11.41 -21.67 -36.54
CA ILE B 154 -11.73 -23.04 -36.18
C ILE B 154 -12.92 -23.55 -36.99
N VAL B 155 -13.99 -22.74 -37.04
CA VAL B 155 -15.23 -23.21 -37.67
C VAL B 155 -15.06 -23.35 -39.18
N VAL B 156 -14.27 -22.49 -39.81
CA VAL B 156 -14.03 -22.63 -41.25
C VAL B 156 -13.34 -23.96 -41.55
N ALA B 157 -12.50 -24.44 -40.63
CA ALA B 157 -11.85 -25.73 -40.79
C ALA B 157 -12.80 -26.90 -40.58
N ILE B 158 -14.01 -26.66 -40.08
CA ILE B 158 -14.95 -27.75 -39.81
C ILE B 158 -16.09 -27.81 -40.81
N PHE B 159 -16.42 -26.71 -41.49
CA PHE B 159 -17.42 -26.75 -42.55
C PHE B 159 -17.16 -27.84 -43.60
N PRO B 160 -15.93 -28.03 -44.11
CA PRO B 160 -15.72 -29.15 -45.03
C PRO B 160 -16.05 -30.50 -44.43
N SER B 161 -15.85 -30.69 -43.13
CA SER B 161 -16.16 -31.99 -42.52
C SER B 161 -17.67 -32.14 -42.31
N ASN B 162 -18.24 -31.34 -41.41
CA ASN B 162 -19.67 -31.30 -41.17
C ASN B 162 -20.14 -29.86 -41.10
N TRP B 163 -21.25 -29.57 -41.76
CA TRP B 163 -21.88 -28.27 -41.61
C TRP B 163 -22.74 -28.19 -40.35
N ALA B 164 -23.03 -29.31 -39.72
CA ALA B 164 -23.83 -29.32 -38.49
C ALA B 164 -22.96 -29.16 -37.24
N ALA B 165 -21.85 -29.88 -37.17
CA ALA B 165 -20.93 -29.71 -36.06
C ALA B 165 -20.37 -28.30 -36.02
N ALA B 166 -20.27 -27.64 -37.17
CA ALA B 166 -19.83 -26.25 -37.20
C ALA B 166 -20.96 -25.33 -36.73
N LEU B 167 -22.21 -25.71 -36.97
CA LEU B 167 -23.34 -24.91 -36.50
C LEU B 167 -23.60 -25.11 -35.01
N ILE B 168 -23.17 -26.23 -34.44
CA ILE B 168 -23.32 -26.44 -33.01
C ILE B 168 -22.52 -25.40 -32.22
N LEU B 169 -21.28 -25.14 -32.66
CA LEU B 169 -20.45 -24.16 -31.99
C LEU B 169 -21.03 -22.76 -32.11
N LEU B 170 -21.40 -22.35 -33.34
CA LEU B 170 -22.02 -21.05 -33.53
C LEU B 170 -23.45 -21.00 -33.02
N GLY B 171 -24.05 -22.15 -32.72
CA GLY B 171 -25.35 -22.13 -32.06
C GLY B 171 -25.26 -21.59 -30.65
N THR B 172 -24.25 -22.03 -29.89
CA THR B 172 -24.04 -21.59 -28.53
C THR B 172 -23.13 -20.37 -28.42
N ALA B 173 -22.43 -20.01 -29.49
CA ALA B 173 -21.50 -18.89 -29.44
C ALA B 173 -22.16 -17.55 -29.10
N PRO B 174 -23.27 -17.14 -29.73
CA PRO B 174 -23.75 -15.76 -29.52
C PRO B 174 -24.17 -15.46 -28.10
N LEU B 175 -24.49 -16.47 -27.28
CA LEU B 175 -24.89 -16.20 -25.91
C LEU B 175 -23.70 -15.80 -25.05
N ILE B 176 -22.49 -16.23 -25.41
CA ILE B 176 -21.31 -15.94 -24.59
C ILE B 176 -21.02 -14.45 -24.51
N PRO B 177 -20.93 -13.69 -25.62
CA PRO B 177 -20.72 -12.24 -25.48
C PRO B 177 -21.83 -11.53 -24.74
N LEU B 178 -23.08 -12.01 -24.89
CA LEU B 178 -24.20 -11.38 -24.20
C LEU B 178 -24.06 -11.51 -22.69
N PHE B 179 -23.88 -12.75 -22.21
CA PHE B 179 -23.78 -12.98 -20.78
C PHE B 179 -22.53 -12.37 -20.16
N MET B 180 -21.47 -12.21 -20.95
CA MET B 180 -20.24 -11.61 -20.44
C MET B 180 -20.46 -10.14 -20.04
N ALA B 181 -21.36 -9.44 -20.72
CA ALA B 181 -21.55 -8.01 -20.48
C ALA B 181 -22.59 -7.73 -19.40
N LEU B 182 -23.70 -8.49 -19.38
CA LEU B 182 -24.70 -8.29 -18.33
C LEU B 182 -24.15 -8.62 -16.96
N VAL B 183 -23.35 -9.68 -16.86
CA VAL B 183 -22.70 -10.00 -15.59
C VAL B 183 -21.72 -8.91 -15.21
N GLY B 184 -20.94 -8.43 -16.17
CA GLY B 184 -19.89 -7.47 -15.90
C GLY B 184 -20.32 -6.02 -15.98
N MET B 185 -21.62 -5.75 -15.94
CA MET B 185 -22.07 -4.36 -15.99
C MET B 185 -21.68 -3.60 -14.73
N GLY B 186 -21.58 -4.28 -13.59
CA GLY B 186 -21.14 -3.69 -12.35
C GLY B 186 -19.76 -4.09 -11.90
N ALA B 187 -18.98 -4.75 -12.76
CA ALA B 187 -17.67 -5.22 -12.35
C ALA B 187 -16.64 -4.10 -12.27
N ALA B 188 -16.87 -3.00 -12.99
CA ALA B 188 -15.91 -1.89 -12.95
C ALA B 188 -16.15 -1.01 -11.74
N ASP B 189 -17.41 -0.83 -11.33
CA ASP B 189 -17.68 -0.08 -10.12
C ASP B 189 -17.36 -0.90 -8.88
N ALA B 190 -17.53 -2.21 -8.94
CA ALA B 190 -17.16 -3.06 -7.81
C ALA B 190 -15.66 -2.99 -7.57
N ASN B 191 -14.86 -2.91 -8.63
CA ASN B 191 -13.43 -2.75 -8.47
C ASN B 191 -13.06 -1.37 -7.97
N ARG B 192 -13.80 -0.34 -8.39
CA ARG B 192 -13.53 1.02 -7.91
C ARG B 192 -13.72 1.12 -6.41
N ARG B 193 -14.77 0.49 -5.88
CA ARG B 193 -14.97 0.46 -4.44
C ARG B 193 -14.00 -0.51 -3.76
N ASN B 194 -13.45 -1.47 -4.50
CA ASN B 194 -12.46 -2.37 -3.93
C ASN B 194 -11.14 -1.62 -3.67
N PHE B 195 -10.71 -0.81 -4.62
CA PHE B 195 -9.51 -0.01 -4.42
C PHE B 195 -9.75 1.18 -3.51
N LEU B 196 -11.01 1.56 -3.31
CA LEU B 196 -11.31 2.60 -2.33
C LEU B 196 -11.22 2.07 -0.91
N ALA B 197 -11.64 0.81 -0.71
CA ALA B 197 -11.53 0.20 0.61
C ALA B 197 -10.09 -0.16 0.93
N LEU B 198 -9.31 -0.55 -0.08
CA LEU B 198 -7.89 -0.81 0.13
C LEU B 198 -7.13 0.47 0.46
N ALA B 199 -7.40 1.55 -0.28
CA ALA B 199 -6.77 2.82 0.02
C ALA B 199 -7.18 3.34 1.39
N ARG B 200 -8.45 3.14 1.75
CA ARG B 200 -8.90 3.52 3.09
C ARG B 200 -8.23 2.68 4.16
N LEU B 201 -8.06 1.39 3.91
CA LEU B 201 -7.40 0.51 4.87
C LEU B 201 -5.92 0.83 4.98
N SER B 202 -5.26 1.09 3.85
CA SER B 202 -3.83 1.36 3.87
C SER B 202 -3.53 2.71 4.48
N GLY B 203 -4.33 3.72 4.16
CA GLY B 203 -4.14 5.03 4.77
C GLY B 203 -4.47 5.04 6.25
N HIS B 204 -5.49 4.28 6.65
CA HIS B 204 -5.84 4.18 8.06
C HIS B 204 -4.73 3.52 8.85
N PHE B 205 -4.10 2.49 8.29
CA PHE B 205 -3.04 1.79 9.01
C PHE B 205 -1.84 2.69 9.25
N LEU B 206 -1.32 3.31 8.18
CA LEU B 206 -0.13 4.15 8.32
C LEU B 206 -0.40 5.39 9.14
N ASP B 207 -1.65 5.84 9.22
CA ASP B 207 -1.98 6.94 10.12
C ASP B 207 -1.86 6.51 11.58
N ARG B 208 -2.36 5.32 11.91
CA ARG B 208 -2.25 4.81 13.26
C ARG B 208 -0.81 4.41 13.59
N LEU B 209 -0.03 4.06 12.58
CA LEU B 209 1.37 3.69 12.80
C LEU B 209 2.23 4.93 13.09
N ARG B 210 1.99 6.01 12.36
CA ARG B 210 2.71 7.25 12.61
C ARG B 210 2.35 7.84 13.97
N GLY B 211 1.10 7.70 14.38
CA GLY B 211 0.66 8.25 15.65
C GLY B 211 0.46 7.18 16.71
N MET B 212 1.22 6.10 16.60
CA MET B 212 1.10 4.99 17.53
C MET B 212 1.60 5.35 18.92
N GLU B 213 2.40 6.41 19.04
CA GLU B 213 2.78 6.88 20.37
C GLU B 213 1.60 7.47 21.11
N THR B 214 0.76 8.24 20.41
CA THR B 214 -0.45 8.78 21.02
C THR B 214 -1.42 7.66 21.38
N LEU B 215 -1.51 6.63 20.53
CA LEU B 215 -2.39 5.50 20.84
C LEU B 215 -1.94 4.78 22.08
N ARG B 216 -0.62 4.63 22.28
CA ARG B 216 -0.11 3.96 23.47
C ARG B 216 -0.38 4.79 24.72
N ILE B 217 -0.26 6.11 24.62
CA ILE B 217 -0.46 6.98 25.78
C ILE B 217 -1.88 6.83 26.33
N PHE B 218 -2.86 6.79 25.45
CA PHE B 218 -4.27 6.75 25.85
C PHE B 218 -4.84 5.35 25.89
N GLY B 219 -4.03 4.32 25.69
CA GLY B 219 -4.50 2.95 25.79
C GLY B 219 -5.52 2.56 24.76
N ARG B 220 -5.26 2.90 23.50
CA ARG B 220 -6.16 2.56 22.40
C ARG B 220 -5.82 1.23 21.75
N GLY B 221 -5.23 0.30 22.49
CA GLY B 221 -4.88 -0.99 21.91
C GLY B 221 -6.10 -1.79 21.49
N GLU B 222 -7.12 -1.84 22.35
CA GLU B 222 -8.33 -2.58 22.03
C GLU B 222 -9.21 -1.85 21.01
N ALA B 223 -9.20 -0.52 21.04
CA ALA B 223 -10.07 0.23 20.14
C ALA B 223 -9.54 0.26 18.72
N GLU B 224 -8.22 0.35 18.55
CA GLU B 224 -7.64 0.41 17.21
C GLU B 224 -7.62 -0.94 16.53
N ILE B 225 -7.71 -2.03 17.29
CA ILE B 225 -7.87 -3.35 16.68
C ILE B 225 -9.26 -3.49 16.07
N GLU B 226 -10.26 -2.83 16.66
CA GLU B 226 -11.59 -2.86 16.06
C GLU B 226 -11.68 -1.96 14.84
N SER B 227 -10.91 -0.87 14.80
CA SER B 227 -10.90 0.00 13.63
C SER B 227 -10.22 -0.69 12.45
N ILE B 228 -9.12 -1.41 12.70
CA ILE B 228 -8.49 -2.18 11.62
C ILE B 228 -9.39 -3.33 11.20
N ARG B 229 -10.08 -3.97 12.16
CA ARG B 229 -10.98 -5.05 11.81
C ARG B 229 -12.12 -4.55 10.93
N SER B 230 -12.60 -3.34 11.19
CA SER B 230 -13.66 -2.76 10.36
C SER B 230 -13.14 -2.36 8.99
N ALA B 231 -11.97 -1.73 8.94
CA ALA B 231 -11.39 -1.34 7.65
C ALA B 231 -11.00 -2.56 6.83
N SER B 232 -10.49 -3.61 7.49
CA SER B 232 -10.10 -4.81 6.78
C SER B 232 -11.31 -5.68 6.41
N GLU B 233 -12.45 -5.49 7.06
CA GLU B 233 -13.64 -6.25 6.70
C GLU B 233 -14.43 -5.58 5.59
N ASP B 234 -14.43 -4.25 5.53
CA ASP B 234 -14.96 -3.58 4.35
C ASP B 234 -14.18 -3.98 3.12
N PHE B 235 -12.84 -4.04 3.23
CA PHE B 235 -12.01 -4.45 2.11
C PHE B 235 -12.26 -5.89 1.72
N ARG B 236 -12.48 -6.77 2.71
CA ARG B 236 -12.73 -8.17 2.39
C ARG B 236 -14.04 -8.34 1.64
N GLN B 237 -15.08 -7.62 2.05
CA GLN B 237 -16.38 -7.76 1.39
C GLN B 237 -16.35 -7.18 -0.01
N ARG B 238 -15.57 -6.12 -0.23
CA ARG B 238 -15.41 -5.60 -1.59
C ARG B 238 -14.68 -6.61 -2.47
N THR B 239 -13.61 -7.22 -1.95
CA THR B 239 -12.88 -8.21 -2.72
C THR B 239 -13.75 -9.40 -3.08
N MET B 240 -14.53 -9.89 -2.12
CA MET B 240 -15.42 -11.01 -2.42
C MET B 240 -16.53 -10.61 -3.37
N GLU B 241 -16.93 -9.34 -3.36
CA GLU B 241 -17.92 -8.85 -4.32
C GLU B 241 -17.33 -8.80 -5.73
N VAL B 242 -16.07 -8.35 -5.84
CA VAL B 242 -15.40 -8.35 -7.13
C VAL B 242 -15.19 -9.76 -7.64
N LEU B 243 -14.78 -10.67 -6.74
CA LEU B 243 -14.48 -12.03 -7.16
C LEU B 243 -15.73 -12.81 -7.55
N ARG B 244 -16.86 -12.52 -6.90
CA ARG B 244 -18.07 -13.28 -7.17
C ARG B 244 -18.56 -13.07 -8.60
N LEU B 245 -18.35 -11.89 -9.16
CA LEU B 245 -18.69 -11.66 -10.56
C LEU B 245 -17.80 -12.50 -11.47
N ALA B 246 -16.51 -12.58 -11.17
CA ALA B 246 -15.60 -13.35 -12.00
C ALA B 246 -15.95 -14.83 -11.98
N PHE B 247 -16.29 -15.37 -10.81
CA PHE B 247 -16.68 -16.77 -10.72
C PHE B 247 -18.00 -17.02 -11.45
N LEU B 248 -18.94 -16.09 -11.34
CA LEU B 248 -20.21 -16.23 -12.05
C LEU B 248 -20.02 -16.14 -13.56
N SER B 249 -19.25 -15.16 -14.00
CA SER B 249 -19.00 -15.02 -15.44
C SER B 249 -18.25 -16.22 -15.99
N SER B 250 -17.25 -16.72 -15.26
CA SER B 250 -16.52 -17.89 -15.72
C SER B 250 -17.36 -19.15 -15.67
N GLY B 251 -18.25 -19.25 -14.69
CA GLY B 251 -19.14 -20.40 -14.62
C GLY B 251 -20.14 -20.42 -15.77
N ILE B 252 -20.65 -19.26 -16.16
CA ILE B 252 -21.58 -19.19 -17.28
C ILE B 252 -20.88 -19.59 -18.58
N LEU B 253 -19.68 -19.06 -18.80
CA LEU B 253 -18.97 -19.36 -20.04
C LEU B 253 -18.54 -20.83 -20.10
N GLU B 254 -18.23 -21.43 -18.95
CA GLU B 254 -17.93 -22.86 -18.94
C GLU B 254 -19.18 -23.69 -19.15
N PHE B 255 -20.35 -23.17 -18.74
CA PHE B 255 -21.59 -23.91 -18.95
C PHE B 255 -21.88 -24.10 -20.44
N PHE B 256 -21.68 -23.06 -21.24
CA PHE B 256 -21.91 -23.19 -22.68
C PHE B 256 -20.80 -23.99 -23.33
N THR B 257 -19.56 -23.84 -22.86
CA THR B 257 -18.46 -24.64 -23.38
C THR B 257 -18.68 -26.12 -23.08
N SER B 258 -19.08 -26.44 -21.85
CA SER B 258 -19.32 -27.84 -21.49
C SER B 258 -20.55 -28.38 -22.18
N LEU B 259 -21.56 -27.54 -22.40
CA LEU B 259 -22.74 -27.98 -23.13
C LEU B 259 -22.39 -28.31 -24.58
N SER B 260 -21.62 -27.44 -25.24
CA SER B 260 -21.34 -27.63 -26.66
C SER B 260 -20.54 -28.91 -26.90
N ILE B 261 -19.58 -29.20 -26.03
CA ILE B 261 -18.82 -30.44 -26.16
C ILE B 261 -19.75 -31.64 -26.03
N ALA B 262 -20.76 -31.54 -25.17
CA ALA B 262 -21.70 -32.65 -25.00
C ALA B 262 -22.47 -32.91 -26.28
N LEU B 263 -23.03 -31.86 -26.90
CA LEU B 263 -23.78 -32.06 -28.14
C LEU B 263 -22.89 -32.60 -29.25
N VAL B 264 -21.68 -32.07 -29.38
CA VAL B 264 -20.77 -32.58 -30.41
C VAL B 264 -20.48 -34.06 -30.19
N ALA B 265 -20.28 -34.46 -28.94
CA ALA B 265 -20.13 -35.88 -28.63
C ALA B 265 -21.41 -36.64 -28.92
N VAL B 266 -22.55 -36.09 -28.51
CA VAL B 266 -23.82 -36.80 -28.70
C VAL B 266 -24.21 -36.85 -30.17
N TYR B 267 -24.08 -35.73 -30.88
CA TYR B 267 -24.48 -35.70 -32.28
C TYR B 267 -23.64 -36.64 -33.12
N PHE B 268 -22.31 -36.62 -32.93
CA PHE B 268 -21.45 -37.52 -33.68
C PHE B 268 -21.66 -38.96 -33.26
N GLY B 269 -21.77 -39.22 -31.96
CA GLY B 269 -22.00 -40.58 -31.49
C GLY B 269 -23.28 -41.16 -32.03
N PHE B 270 -24.32 -40.33 -32.18
CA PHE B 270 -25.57 -40.82 -32.74
C PHE B 270 -25.47 -40.98 -34.25
N SER B 271 -24.77 -40.07 -34.92
CA SER B 271 -24.68 -40.12 -36.38
C SER B 271 -24.03 -41.40 -36.86
N TYR B 272 -22.95 -41.83 -36.19
CA TYR B 272 -22.31 -43.09 -36.54
C TYR B 272 -23.24 -44.28 -36.38
N LEU B 273 -24.27 -44.15 -35.55
CA LEU B 273 -25.20 -45.24 -35.29
C LEU B 273 -26.43 -45.21 -36.16
N GLY B 274 -26.59 -44.18 -37.01
CA GLY B 274 -27.71 -44.10 -37.91
C GLY B 274 -28.92 -43.35 -37.43
N GLU B 275 -28.94 -42.93 -36.16
CA GLU B 275 -30.07 -42.15 -35.65
C GLU B 275 -30.10 -40.72 -36.19
N LEU B 276 -29.04 -40.26 -36.85
CA LEU B 276 -28.99 -38.93 -37.42
C LEU B 276 -28.31 -38.99 -38.78
N ASP B 277 -28.79 -38.17 -39.71
CA ASP B 277 -28.31 -38.20 -41.09
C ASP B 277 -28.07 -36.83 -41.69
N PHE B 278 -28.55 -35.75 -41.06
CA PHE B 278 -28.56 -34.45 -41.72
C PHE B 278 -27.18 -33.82 -41.80
N GLY B 279 -26.30 -34.12 -40.84
CA GLY B 279 -25.06 -33.36 -40.72
C GLY B 279 -24.11 -33.53 -41.89
N HIS B 280 -23.93 -34.76 -42.35
CA HIS B 280 -22.90 -35.06 -43.34
C HIS B 280 -23.34 -34.63 -44.74
N TYR B 281 -22.35 -34.48 -45.62
CA TYR B 281 -22.56 -34.00 -46.98
C TYR B 281 -22.96 -35.14 -47.92
N ASP B 282 -24.09 -35.77 -47.58
CA ASP B 282 -24.63 -36.89 -48.37
C ASP B 282 -23.59 -37.99 -48.57
N THR B 283 -22.73 -38.17 -47.57
CA THR B 283 -21.67 -39.16 -47.63
C THR B 283 -21.46 -39.67 -46.21
N GLY B 284 -21.01 -40.92 -46.10
CA GLY B 284 -20.87 -41.53 -44.78
C GLY B 284 -19.96 -40.72 -43.87
N VAL B 285 -20.36 -40.60 -42.61
CA VAL B 285 -19.60 -39.82 -41.65
C VAL B 285 -18.32 -40.57 -41.29
N THR B 286 -17.20 -39.86 -41.31
CA THR B 286 -15.91 -40.45 -41.01
C THR B 286 -15.56 -40.26 -39.53
N LEU B 287 -14.70 -41.15 -39.03
CA LEU B 287 -14.27 -41.02 -37.65
C LEU B 287 -13.37 -39.80 -37.44
N ALA B 288 -12.58 -39.45 -38.45
CA ALA B 288 -11.71 -38.27 -38.34
C ALA B 288 -12.52 -37.00 -38.16
N ALA B 289 -13.69 -36.90 -38.81
CA ALA B 289 -14.53 -35.73 -38.65
C ALA B 289 -15.03 -35.59 -37.22
N GLY B 290 -15.39 -36.72 -36.59
CA GLY B 290 -15.84 -36.67 -35.22
C GLY B 290 -14.73 -36.28 -34.26
N PHE B 291 -13.54 -36.84 -34.45
CA PHE B 291 -12.42 -36.50 -33.59
C PHE B 291 -11.96 -35.07 -33.81
N LEU B 292 -11.96 -34.61 -35.07
CA LEU B 292 -11.54 -33.24 -35.36
C LEU B 292 -12.44 -32.23 -34.68
N ALA B 293 -13.75 -32.46 -34.72
CA ALA B 293 -14.69 -31.53 -34.11
C ALA B 293 -14.74 -31.66 -32.59
N LEU B 294 -14.30 -32.79 -32.04
CA LEU B 294 -14.27 -32.97 -30.60
C LEU B 294 -13.01 -32.41 -29.98
N ILE B 295 -11.87 -32.50 -30.67
CA ILE B 295 -10.64 -31.89 -30.17
C ILE B 295 -10.71 -30.37 -30.31
N LEU B 296 -11.39 -29.87 -31.34
CA LEU B 296 -11.48 -28.44 -31.59
C LEU B 296 -12.66 -27.77 -30.88
N ALA B 297 -13.57 -28.55 -30.30
CA ALA B 297 -14.67 -27.95 -29.54
C ALA B 297 -14.20 -27.18 -28.31
N PRO B 298 -13.32 -27.72 -27.46
CA PRO B 298 -12.81 -26.90 -26.36
C PRO B 298 -12.00 -25.70 -26.83
N GLU B 299 -11.31 -25.81 -27.96
CA GLU B 299 -10.48 -24.73 -28.45
C GLU B 299 -11.25 -23.69 -29.25
N PHE B 300 -12.51 -23.95 -29.59
CA PHE B 300 -13.34 -22.90 -30.18
C PHE B 300 -13.75 -21.89 -29.13
N PHE B 301 -13.99 -22.34 -27.91
CA PHE B 301 -14.42 -21.46 -26.82
C PHE B 301 -13.27 -20.93 -25.98
N GLN B 302 -12.09 -21.56 -26.10
CA GLN B 302 -10.91 -21.11 -25.32
C GLN B 302 -10.66 -19.62 -25.55
N PRO B 303 -10.60 -19.14 -26.81
CA PRO B 303 -10.41 -17.71 -27.07
C PRO B 303 -11.58 -16.86 -26.53
N LEU B 304 -12.74 -17.48 -26.28
CA LEU B 304 -13.89 -16.78 -25.75
C LEU B 304 -13.95 -16.85 -24.22
N ARG B 305 -13.55 -17.98 -23.64
CA ARG B 305 -13.41 -18.04 -22.19
C ARG B 305 -12.30 -17.13 -21.71
N ASP B 306 -11.19 -17.07 -22.45
CA ASP B 306 -10.10 -16.17 -22.10
C ASP B 306 -10.54 -14.72 -22.16
N LEU B 307 -11.33 -14.35 -23.16
CA LEU B 307 -11.83 -12.98 -23.25
C LEU B 307 -12.69 -12.64 -22.05
N GLY B 308 -13.54 -13.57 -21.62
CA GLY B 308 -14.28 -13.37 -20.38
C GLY B 308 -13.37 -13.28 -19.17
N THR B 309 -12.32 -14.10 -19.14
CA THR B 309 -11.37 -14.03 -18.04
C THR B 309 -10.66 -12.69 -18.00
N PHE B 310 -10.22 -12.20 -19.16
CA PHE B 310 -9.51 -10.92 -19.23
C PHE B 310 -10.45 -9.73 -19.30
N TYR B 311 -11.74 -9.94 -19.51
CA TYR B 311 -12.69 -8.84 -19.42
C TYR B 311 -12.74 -8.28 -18.01
N HIS B 312 -12.72 -9.16 -17.01
CA HIS B 312 -12.71 -8.70 -15.63
C HIS B 312 -11.34 -8.16 -15.23
N ALA B 313 -10.31 -8.41 -16.03
CA ALA B 313 -9.04 -7.72 -15.86
C ALA B 313 -9.14 -6.29 -16.37
N LYS B 314 -9.97 -6.06 -17.40
CA LYS B 314 -10.21 -4.70 -17.86
C LYS B 314 -11.02 -3.92 -16.84
N ALA B 315 -12.04 -4.55 -16.25
CA ALA B 315 -12.80 -3.89 -15.20
C ALA B 315 -11.93 -3.57 -14.00
N GLN B 316 -10.91 -4.39 -13.74
CA GLN B 316 -9.97 -4.09 -12.67
C GLN B 316 -9.13 -2.87 -13.01
N ALA B 317 -8.83 -2.65 -14.29
CA ALA B 317 -8.09 -1.46 -14.69
C ALA B 317 -8.98 -0.22 -14.69
N VAL B 318 -10.26 -0.36 -15.02
CA VAL B 318 -11.16 0.78 -15.01
C VAL B 318 -11.43 1.23 -13.58
N GLY B 319 -11.58 0.28 -12.66
CA GLY B 319 -11.69 0.66 -11.25
C GLY B 319 -10.41 1.26 -10.72
N ALA B 320 -9.27 0.76 -11.16
CA ALA B 320 -7.98 1.28 -10.72
C ALA B 320 -7.64 2.63 -11.35
N ALA B 321 -8.25 2.97 -12.47
CA ALA B 321 -7.97 4.23 -13.15
C ALA B 321 -8.88 5.37 -12.71
N ASP B 322 -9.91 5.09 -11.91
CA ASP B 322 -10.83 6.15 -11.51
C ASP B 322 -10.15 7.14 -10.57
N SER B 323 -9.48 6.63 -9.54
CA SER B 323 -8.77 7.51 -8.62
C SER B 323 -7.55 8.13 -9.29
N LEU B 324 -6.93 7.44 -10.24
CA LEU B 324 -5.81 8.00 -10.96
C LEU B 324 -6.24 9.19 -11.82
N LYS B 325 -7.28 9.00 -12.62
CA LYS B 325 -7.70 10.06 -13.53
C LYS B 325 -8.17 11.29 -12.77
N THR B 326 -8.78 11.09 -11.59
CA THR B 326 -9.20 12.24 -10.79
C THR B 326 -8.00 13.06 -10.33
N PHE B 327 -6.92 12.38 -9.90
CA PHE B 327 -5.73 13.09 -9.48
C PHE B 327 -5.11 13.85 -10.65
N MET B 328 -5.08 13.24 -11.83
CA MET B 328 -4.60 13.93 -13.03
C MET B 328 -5.51 15.09 -13.41
N GLU B 329 -6.82 14.96 -13.16
CA GLU B 329 -7.76 15.98 -13.59
C GLU B 329 -7.66 17.23 -12.73
N THR B 330 -7.59 17.07 -11.41
CA THR B 330 -7.68 18.20 -10.51
C THR B 330 -6.50 19.15 -10.74
N PRO B 331 -6.75 20.45 -10.89
CA PRO B 331 -5.64 21.38 -11.06
C PRO B 331 -4.81 21.51 -9.79
N LEU B 332 -3.54 21.81 -9.97
CA LEU B 332 -2.61 22.00 -8.87
C LEU B 332 -2.69 23.44 -8.37
N ALA B 333 -1.70 23.86 -7.58
CA ALA B 333 -1.74 25.19 -6.97
C ALA B 333 -1.80 26.30 -8.01
N HIS B 334 -1.39 26.03 -9.23
CA HIS B 334 -1.42 27.07 -10.25
C HIS B 334 -2.02 26.52 -11.54
N PRO B 335 -2.84 27.32 -12.22
CA PRO B 335 -3.55 26.79 -13.40
C PRO B 335 -2.62 26.26 -14.49
N GLN B 336 -1.51 26.93 -14.72
CA GLN B 336 -0.55 26.52 -15.73
C GLN B 336 0.86 26.62 -15.16
N ARG B 337 1.70 25.66 -15.52
CA ARG B 337 3.07 25.64 -15.01
C ARG B 337 3.83 26.87 -15.50
N GLY B 338 4.22 27.72 -14.56
CA GLY B 338 4.92 28.94 -14.91
C GLY B 338 6.26 28.62 -15.56
N GLU B 339 6.62 29.45 -16.55
CA GLU B 339 7.89 29.30 -17.25
C GLU B 339 8.82 30.48 -17.07
N ALA B 340 8.31 31.63 -16.65
CA ALA B 340 9.16 32.78 -16.40
C ALA B 340 10.09 32.51 -15.22
N GLU B 341 11.26 33.14 -15.26
CA GLU B 341 12.23 33.00 -14.18
C GLU B 341 13.03 34.28 -14.04
N LEU B 342 13.12 34.79 -12.82
CA LEU B 342 13.96 35.94 -12.55
C LEU B 342 15.43 35.55 -12.65
N ALA B 343 16.25 36.50 -13.11
CA ALA B 343 17.63 36.21 -13.44
C ALA B 343 18.59 36.46 -12.28
N SER B 344 18.54 37.65 -11.69
CA SER B 344 19.51 38.03 -10.68
C SER B 344 19.32 37.22 -9.41
N THR B 345 20.44 36.88 -8.77
CA THR B 345 20.44 36.24 -7.46
C THR B 345 20.35 37.24 -6.32
N ASP B 346 20.16 38.53 -6.65
CA ASP B 346 20.04 39.56 -5.63
C ASP B 346 18.74 39.36 -4.85
N PRO B 347 18.66 39.95 -3.65
CA PRO B 347 17.42 39.82 -2.87
C PRO B 347 16.21 40.30 -3.65
N VAL B 348 15.12 39.56 -3.50
CA VAL B 348 13.90 39.82 -4.26
C VAL B 348 13.04 40.83 -3.53
N THR B 349 12.10 41.42 -4.25
CA THR B 349 11.10 42.31 -3.68
C THR B 349 9.75 41.60 -3.70
N ILE B 350 9.06 41.61 -2.57
CA ILE B 350 7.76 40.98 -2.43
C ILE B 350 6.71 42.08 -2.39
N GLU B 351 5.68 41.94 -3.22
CA GLU B 351 4.64 42.95 -3.36
C GLU B 351 3.30 42.23 -3.43
N ALA B 352 2.40 42.57 -2.51
CA ALA B 352 1.07 41.98 -2.47
C ALA B 352 0.02 43.07 -2.63
N GLU B 353 -1.06 42.73 -3.34
CA GLU B 353 -2.17 43.66 -3.58
C GLU B 353 -3.46 42.87 -3.50
N GLU B 354 -4.19 43.04 -2.39
CA GLU B 354 -5.45 42.33 -2.16
C GLU B 354 -5.26 40.82 -2.31
N LEU B 355 -4.24 40.31 -1.61
CA LEU B 355 -3.85 38.91 -1.73
C LEU B 355 -4.77 38.04 -0.87
N PHE B 356 -5.29 36.97 -1.46
CA PHE B 356 -6.08 35.98 -0.76
C PHE B 356 -5.46 34.61 -1.00
N ILE B 357 -5.26 33.84 0.08
CA ILE B 357 -4.64 32.53 0.00
C ILE B 357 -5.69 31.48 0.35
N THR B 358 -5.84 30.48 -0.51
CA THR B 358 -6.88 29.48 -0.38
C THR B 358 -6.27 28.09 -0.26
N SER B 359 -6.94 27.24 0.50
CA SER B 359 -6.54 25.85 0.70
C SER B 359 -6.79 25.07 -0.60
N PRO B 360 -6.27 23.85 -0.70
CA PRO B 360 -6.57 23.05 -1.89
C PRO B 360 -8.05 22.83 -2.13
N GLU B 361 -8.80 22.63 -1.05
CA GLU B 361 -10.26 22.43 -1.14
C GLU B 361 -10.89 23.74 -1.62
N GLY B 362 -10.42 24.87 -1.08
CA GLY B 362 -10.96 26.16 -1.47
C GLY B 362 -11.20 27.16 -0.35
N LYS B 363 -11.04 26.74 0.91
CA LYS B 363 -11.22 27.65 2.02
C LYS B 363 -10.12 28.69 2.04
N THR B 364 -10.50 29.94 2.32
CA THR B 364 -9.51 31.01 2.43
C THR B 364 -8.80 30.90 3.77
N LEU B 365 -7.47 30.97 3.73
CA LEU B 365 -6.66 30.87 4.94
C LEU B 365 -6.17 32.22 5.44
N ALA B 366 -5.81 33.12 4.54
CA ALA B 366 -5.40 34.47 4.89
C ALA B 366 -6.22 35.47 4.10
N GLY B 367 -6.76 36.47 4.80
CA GLY B 367 -7.60 37.46 4.18
C GLY B 367 -6.81 38.43 3.32
N PRO B 368 -7.38 39.59 3.04
CA PRO B 368 -6.72 40.55 2.13
C PRO B 368 -5.41 41.05 2.71
N LEU B 369 -4.32 40.70 2.03
CA LEU B 369 -2.97 41.04 2.47
C LEU B 369 -2.41 42.11 1.54
N ASN B 370 -2.16 43.30 2.08
CA ASN B 370 -1.51 44.39 1.37
C ASN B 370 -0.22 44.73 2.11
N PHE B 371 0.92 44.51 1.45
CA PHE B 371 2.20 44.82 2.06
C PHE B 371 3.24 44.95 0.96
N THR B 372 4.38 45.55 1.33
CA THR B 372 5.51 45.67 0.43
C THR B 372 6.80 45.41 1.22
N LEU B 373 7.70 44.64 0.63
CA LEU B 373 8.97 44.29 1.26
C LEU B 373 10.09 44.59 0.28
N PRO B 374 10.77 45.73 0.43
CA PRO B 374 11.86 46.07 -0.50
C PRO B 374 12.99 45.07 -0.44
N ALA B 375 13.71 44.95 -1.55
CA ALA B 375 14.81 44.00 -1.65
C ALA B 375 15.84 44.26 -0.55
N GLY B 376 16.27 43.19 0.10
CA GLY B 376 17.24 43.28 1.16
C GLY B 376 16.67 43.57 2.54
N GLN B 377 15.43 44.02 2.61
CA GLN B 377 14.81 44.31 3.90
C GLN B 377 14.28 43.02 4.52
N ARG B 378 14.18 43.03 5.85
CA ARG B 378 13.71 41.88 6.62
C ARG B 378 12.50 42.29 7.43
N ALA B 379 11.48 41.42 7.43
CA ALA B 379 10.21 41.69 8.09
C ALA B 379 9.89 40.54 9.04
N VAL B 380 9.02 40.84 10.01
CA VAL B 380 8.61 39.87 11.01
C VAL B 380 7.09 39.74 10.98
N LEU B 381 6.61 38.51 10.93
CA LEU B 381 5.18 38.24 11.04
C LEU B 381 4.83 37.94 12.48
N VAL B 382 3.86 38.67 13.01
CA VAL B 382 3.45 38.57 14.41
C VAL B 382 1.93 38.51 14.45
N GLY B 383 1.39 37.73 15.37
CA GLY B 383 -0.05 37.71 15.55
C GLY B 383 -0.48 36.51 16.38
N ARG B 384 -1.80 36.43 16.54
CA ARG B 384 -2.40 35.32 17.28
C ARG B 384 -2.21 34.01 16.51
N SER B 385 -2.37 32.90 17.23
CA SER B 385 -2.31 31.60 16.59
C SER B 385 -3.50 31.41 15.66
N GLY B 386 -3.28 30.72 14.56
CA GLY B 386 -4.35 30.48 13.60
C GLY B 386 -4.81 31.70 12.86
N SER B 387 -3.97 32.71 12.73
CA SER B 387 -4.33 33.95 12.04
C SER B 387 -3.77 34.02 10.63
N GLY B 388 -3.24 32.92 10.10
CA GLY B 388 -2.77 32.89 8.73
C GLY B 388 -1.33 33.30 8.52
N LYS B 389 -0.46 33.14 9.52
CA LYS B 389 0.93 33.53 9.36
C LYS B 389 1.72 32.49 8.58
N SER B 390 1.53 31.21 8.87
CA SER B 390 2.21 30.16 8.11
C SER B 390 1.59 29.96 6.74
N SER B 391 0.35 30.37 6.53
CA SER B 391 -0.25 30.29 5.21
C SER B 391 0.44 31.24 4.23
N LEU B 392 0.77 32.44 4.68
CA LEU B 392 1.48 33.39 3.83
C LEU B 392 2.85 32.86 3.44
N LEU B 393 3.55 32.23 4.39
CA LEU B 393 4.86 31.66 4.08
C LEU B 393 4.73 30.43 3.19
N ASN B 394 3.59 29.73 3.25
CA ASN B 394 3.35 28.63 2.34
C ASN B 394 2.93 29.10 0.96
N ALA B 395 2.37 30.30 0.86
CA ALA B 395 2.08 30.86 -0.46
C ALA B 395 3.35 31.34 -1.14
N LEU B 396 4.24 31.99 -0.39
CA LEU B 396 5.50 32.46 -0.95
C LEU B 396 6.40 31.31 -1.40
N SER B 397 6.17 30.10 -0.90
CA SER B 397 6.91 28.94 -1.32
C SER B 397 6.30 28.25 -2.52
N GLY B 398 5.16 28.72 -3.02
CA GLY B 398 4.48 28.08 -4.12
C GLY B 398 3.70 26.84 -3.75
N PHE B 399 3.32 26.69 -2.49
CA PHE B 399 2.59 25.50 -2.07
C PHE B 399 1.08 25.69 -2.16
N LEU B 400 0.60 26.92 -2.06
CA LEU B 400 -0.82 27.20 -1.99
C LEU B 400 -1.24 28.10 -3.14
N SER B 401 -2.49 27.94 -3.57
CA SER B 401 -3.06 28.76 -4.62
C SER B 401 -3.58 30.06 -4.02
N TYR B 402 -3.32 31.17 -4.70
CA TYR B 402 -3.74 32.48 -4.23
C TYR B 402 -4.60 33.17 -5.28
N GLN B 403 -5.36 34.16 -4.83
CA GLN B 403 -6.35 34.82 -5.66
C GLN B 403 -5.94 36.22 -6.12
N GLY B 404 -5.31 37.01 -5.25
CA GLY B 404 -4.97 38.36 -5.61
C GLY B 404 -3.68 38.46 -6.39
N SER B 405 -2.79 39.36 -5.99
CA SER B 405 -1.51 39.56 -6.64
C SER B 405 -0.39 39.40 -5.62
N LEU B 406 0.62 38.62 -5.98
CA LEU B 406 1.80 38.41 -5.13
C LEU B 406 3.01 38.35 -6.07
N ARG B 407 3.66 39.49 -6.25
CA ARG B 407 4.68 39.64 -7.28
C ARG B 407 6.07 39.63 -6.66
N ILE B 408 6.95 38.83 -7.25
CA ILE B 408 8.35 38.73 -6.84
C ILE B 408 9.18 39.44 -7.90
N ASN B 409 9.80 40.56 -7.52
CA ASN B 409 10.54 41.41 -8.45
C ASN B 409 9.65 41.88 -9.60
N GLY B 410 8.38 42.12 -9.29
CA GLY B 410 7.42 42.53 -10.30
C GLY B 410 6.84 41.42 -11.14
N ILE B 411 7.21 40.17 -10.88
CA ILE B 411 6.74 39.01 -11.62
C ILE B 411 5.74 38.26 -10.75
N GLU B 412 4.56 37.97 -11.30
CA GLU B 412 3.56 37.22 -10.57
C GLU B 412 4.09 35.86 -10.16
N LEU B 413 3.85 35.47 -8.91
CA LEU B 413 4.41 34.23 -8.40
C LEU B 413 3.81 33.00 -9.08
N ARG B 414 2.62 33.14 -9.67
CA ARG B 414 2.07 32.04 -10.47
C ARG B 414 2.95 31.76 -11.68
N ASP B 415 3.47 32.81 -12.32
CA ASP B 415 4.21 32.68 -13.56
C ASP B 415 5.65 32.25 -13.38
N LEU B 416 6.19 32.34 -12.17
CA LEU B 416 7.56 31.93 -11.94
C LEU B 416 7.70 30.42 -12.09
N SER B 417 8.80 30.00 -12.70
CA SER B 417 9.06 28.57 -12.84
C SER B 417 9.27 27.96 -11.47
N PRO B 418 8.54 26.88 -11.12
CA PRO B 418 8.67 26.34 -9.76
C PRO B 418 10.08 25.89 -9.42
N GLU B 419 10.73 25.13 -10.29
CA GLU B 419 12.08 24.66 -9.98
C GLU B 419 13.06 25.81 -9.89
N SER B 420 12.92 26.80 -10.76
CA SER B 420 13.85 27.93 -10.73
C SER B 420 13.57 28.84 -9.53
N TRP B 421 12.30 29.00 -9.16
CA TRP B 421 11.96 29.86 -8.04
C TRP B 421 12.46 29.27 -6.72
N ARG B 422 12.37 27.95 -6.59
CA ARG B 422 12.76 27.28 -5.31
C ARG B 422 14.28 27.33 -5.10
N LYS B 423 15.06 27.60 -6.14
CA LYS B 423 16.50 27.70 -5.96
C LYS B 423 16.90 29.04 -5.35
N HIS B 424 16.03 30.03 -5.36
CA HIS B 424 16.27 31.30 -4.70
C HIS B 424 15.58 31.40 -3.36
N LEU B 425 15.09 30.28 -2.82
CA LEU B 425 14.28 30.27 -1.62
C LEU B 425 14.71 29.11 -0.74
N SER B 426 15.00 29.41 0.52
CA SER B 426 15.28 28.41 1.53
C SER B 426 14.66 28.87 2.83
N TRP B 427 14.09 27.94 3.59
CA TRP B 427 13.37 28.35 4.79
C TRP B 427 13.28 27.19 5.77
N VAL B 428 12.94 27.53 7.01
CA VAL B 428 12.67 26.56 8.06
C VAL B 428 11.17 26.48 8.26
N GLY B 429 10.61 25.30 8.08
CA GLY B 429 9.18 25.13 8.25
C GLY B 429 8.79 24.97 9.71
N GLN B 430 7.48 24.95 9.94
CA GLN B 430 6.96 24.71 11.28
C GLN B 430 6.79 23.21 11.48
N ASN B 431 7.25 22.73 12.64
CA ASN B 431 7.42 21.30 12.89
C ASN B 431 8.28 20.66 11.78
N PRO B 432 9.53 21.09 11.64
CA PRO B 432 10.32 20.65 10.48
C PRO B 432 10.63 19.16 10.53
N GLN B 433 10.85 18.59 9.35
CA GLN B 433 11.12 17.18 9.20
C GLN B 433 12.51 16.96 8.60
N LEU B 434 13.03 15.76 8.80
CA LEU B 434 14.34 15.38 8.29
C LEU B 434 14.19 14.18 7.37
N PRO B 435 14.16 14.38 6.05
CA PRO B 435 13.87 13.27 5.14
C PRO B 435 15.04 12.32 4.93
N ALA B 436 16.27 12.83 5.04
CA ALA B 436 17.44 12.05 4.70
C ALA B 436 17.71 10.99 5.75
N ALA B 437 18.81 10.26 5.58
CA ALA B 437 19.12 9.14 6.45
C ALA B 437 19.97 9.56 7.64
N THR B 438 21.15 10.11 7.38
CA THR B 438 22.05 10.54 8.44
C THR B 438 21.83 12.02 8.76
N LEU B 439 22.51 12.49 9.80
CA LEU B 439 22.39 13.89 10.18
C LEU B 439 23.19 14.77 9.23
N ARG B 440 24.32 14.26 8.72
CA ARG B 440 25.05 14.99 7.69
C ARG B 440 24.24 15.08 6.40
N ASP B 441 23.57 13.99 6.03
CA ASP B 441 22.75 13.99 4.82
C ASP B 441 21.59 14.97 4.90
N ASN B 442 21.14 15.31 6.11
CA ASN B 442 20.05 16.26 6.24
C ASN B 442 20.55 17.70 6.17
N VAL B 443 21.67 17.99 6.83
CA VAL B 443 22.22 19.34 6.79
C VAL B 443 22.69 19.67 5.38
N LEU B 444 23.21 18.68 4.66
CA LEU B 444 23.70 18.85 3.30
C LEU B 444 22.63 18.58 2.26
N LEU B 445 21.35 18.81 2.60
CA LEU B 445 20.27 18.51 1.67
C LEU B 445 20.27 19.46 0.49
N ALA B 446 20.57 20.74 0.72
CA ALA B 446 20.54 21.72 -0.37
C ALA B 446 21.58 21.40 -1.43
N ARG B 447 22.79 21.06 -1.01
CA ARG B 447 23.81 20.58 -1.93
C ARG B 447 24.63 19.48 -1.28
N PRO B 448 24.46 18.22 -1.69
CA PRO B 448 25.20 17.13 -1.04
C PRO B 448 26.70 17.25 -1.15
N ASP B 449 27.22 17.83 -2.24
CA ASP B 449 28.67 17.94 -2.44
C ASP B 449 29.17 19.31 -1.98
N ALA B 450 29.11 19.52 -0.67
CA ALA B 450 29.59 20.74 -0.06
C ALA B 450 30.87 20.47 0.73
N SER B 451 31.76 21.46 0.73
CA SER B 451 33.06 21.30 1.39
C SER B 451 32.87 21.13 2.88
N GLU B 452 33.79 20.37 3.49
CA GLU B 452 33.72 20.10 4.92
C GLU B 452 33.77 21.39 5.74
N GLN B 453 34.51 22.40 5.26
CA GLN B 453 34.53 23.68 5.95
C GLN B 453 33.16 24.35 5.92
N GLU B 454 32.48 24.30 4.77
CA GLU B 454 31.17 24.93 4.67
C GLU B 454 30.11 24.12 5.39
N LEU B 455 30.28 22.79 5.47
CA LEU B 455 29.43 21.98 6.32
C LEU B 455 29.63 22.36 7.79
N GLN B 456 30.88 22.57 8.20
CA GLN B 456 31.17 22.90 9.59
C GLN B 456 30.61 24.26 9.97
N ALA B 457 30.59 25.22 9.05
CA ALA B 457 30.05 26.54 9.35
C ALA B 457 28.57 26.46 9.69
N ALA B 458 27.81 25.67 8.93
CA ALA B 458 26.38 25.52 9.21
C ALA B 458 26.14 24.83 10.55
N LEU B 459 26.93 23.79 10.84
CA LEU B 459 26.80 23.10 12.12
C LEU B 459 27.12 24.03 13.29
N ASP B 460 28.15 24.85 13.15
CA ASP B 460 28.49 25.78 14.22
C ASP B 460 27.48 26.91 14.33
N ASN B 461 27.05 27.46 13.20
CA ASN B 461 26.11 28.57 13.23
C ASN B 461 24.79 28.17 13.86
N ALA B 462 24.26 27.01 13.49
CA ALA B 462 22.99 26.53 13.99
C ALA B 462 23.10 25.80 15.31
N TRP B 463 24.24 25.91 15.99
CA TRP B 463 24.46 25.30 17.30
C TRP B 463 24.30 23.77 17.27
N VAL B 464 24.41 23.18 16.08
CA VAL B 464 24.32 21.73 15.96
C VAL B 464 25.59 21.05 16.41
N SER B 465 26.72 21.78 16.48
CA SER B 465 28.01 21.17 16.76
C SER B 465 28.20 20.86 18.24
N GLU B 466 27.35 21.38 19.12
CA GLU B 466 27.57 21.14 20.55
C GLU B 466 27.08 19.77 20.99
N PHE B 467 26.04 19.24 20.36
CA PHE B 467 25.51 17.92 20.73
C PHE B 467 26.04 16.81 19.83
N LEU B 468 26.94 17.13 18.89
CA LEU B 468 27.54 16.09 18.08
C LEU B 468 28.30 15.03 18.88
N PRO B 469 29.08 15.37 19.92
CA PRO B 469 29.72 14.30 20.71
C PRO B 469 28.74 13.32 21.33
N LEU B 470 27.52 13.76 21.66
CA LEU B 470 26.54 12.87 22.25
C LEU B 470 26.16 11.74 21.29
N LEU B 471 26.24 12.00 19.99
CA LEU B 471 25.82 11.01 19.01
C LEU B 471 26.90 9.94 18.84
N PRO B 472 26.53 8.69 18.54
CA PRO B 472 27.53 7.63 18.42
C PRO B 472 28.45 7.78 17.22
N GLN B 473 27.87 8.04 16.04
CA GLN B 473 28.66 8.25 14.83
C GLN B 473 28.92 9.71 14.53
N GLY B 474 28.71 10.59 15.50
CA GLY B 474 28.95 12.00 15.26
C GLY B 474 27.93 12.56 14.30
N VAL B 475 28.42 13.27 13.28
CA VAL B 475 27.53 13.89 12.29
C VAL B 475 27.00 12.88 11.27
N ASP B 476 27.50 11.66 11.28
CA ASP B 476 27.07 10.63 10.35
C ASP B 476 26.04 9.66 10.95
N THR B 477 25.54 9.93 12.14
CA THR B 477 24.59 9.01 12.76
C THR B 477 23.22 9.13 12.11
N PRO B 478 22.53 8.02 11.88
CA PRO B 478 21.16 8.10 11.34
C PRO B 478 20.23 8.83 12.30
N VAL B 479 19.35 9.65 11.74
CA VAL B 479 18.37 10.37 12.56
C VAL B 479 17.15 9.53 12.86
N GLY B 480 16.94 8.43 12.15
CA GLY B 480 15.80 7.58 12.39
C GLY B 480 14.57 8.01 11.62
N ASP B 481 13.47 7.32 11.88
CA ASP B 481 12.22 7.58 11.19
C ASP B 481 11.48 8.70 11.91
N GLN B 482 11.18 9.78 11.19
CA GLN B 482 10.66 11.02 11.78
C GLN B 482 11.62 11.56 12.84
N ALA B 483 12.92 11.43 12.60
CA ALA B 483 13.95 11.97 13.47
C ALA B 483 13.75 11.49 14.91
N ALA B 484 13.50 10.19 15.07
CA ALA B 484 13.27 9.64 16.40
C ALA B 484 14.55 9.65 17.23
N ARG B 485 15.71 9.51 16.59
CA ARG B 485 16.97 9.50 17.33
C ARG B 485 17.25 10.84 17.99
N LEU B 486 16.72 11.93 17.43
CA LEU B 486 16.98 13.25 17.95
C LEU B 486 15.83 13.72 18.82
N SER B 487 16.12 14.67 19.70
CA SER B 487 15.08 15.35 20.43
C SER B 487 14.47 16.45 19.55
N VAL B 488 13.36 17.02 20.03
CA VAL B 488 12.68 18.04 19.25
C VAL B 488 13.57 19.27 19.06
N GLY B 489 14.26 19.69 20.11
CA GLY B 489 15.13 20.84 19.99
C GLY B 489 16.41 20.54 19.24
N GLN B 490 16.84 19.27 19.25
CA GLN B 490 18.02 18.89 18.49
C GLN B 490 17.71 18.77 17.01
N ALA B 491 16.51 18.29 16.67
CA ALA B 491 16.11 18.24 15.27
C ALA B 491 15.79 19.61 14.72
N GLN B 492 15.35 20.54 15.58
CA GLN B 492 15.04 21.88 15.14
C GLN B 492 16.30 22.60 14.66
N ARG B 493 17.43 22.39 15.34
CA ARG B 493 18.66 23.05 14.94
C ARG B 493 19.26 22.44 13.68
N VAL B 494 19.00 21.15 13.44
CA VAL B 494 19.39 20.56 12.17
C VAL B 494 18.60 21.18 11.02
N ALA B 495 17.33 21.51 11.27
CA ALA B 495 16.54 22.21 10.27
C ALA B 495 17.07 23.61 10.03
N VAL B 496 17.53 24.29 11.08
CA VAL B 496 18.14 25.60 10.91
C VAL B 496 19.44 25.51 10.15
N ALA B 497 20.20 24.42 10.34
CA ALA B 497 21.46 24.25 9.62
C ALA B 497 21.25 24.19 8.12
N ARG B 498 20.13 23.59 7.68
CA ARG B 498 19.84 23.52 6.25
C ARG B 498 19.69 24.91 5.65
N ALA B 499 18.91 25.78 6.29
CA ALA B 499 18.59 27.07 5.72
C ALA B 499 19.80 27.99 5.60
N LEU B 500 20.79 27.83 6.47
CA LEU B 500 21.96 28.71 6.48
C LEU B 500 23.09 28.20 5.62
N LEU B 501 22.97 27.01 5.02
CA LEU B 501 24.07 26.45 4.27
C LEU B 501 24.16 27.04 2.86
N ASN B 502 23.04 27.12 2.16
CA ASN B 502 23.02 27.69 0.82
C ASN B 502 22.48 29.11 0.89
N PRO B 503 23.25 30.12 0.52
CA PRO B 503 22.69 31.47 0.39
C PRO B 503 21.66 31.52 -0.74
N CYS B 504 20.62 32.32 -0.53
CA CYS B 504 19.53 32.41 -1.48
C CYS B 504 18.97 33.83 -1.45
N SER B 505 18.04 34.10 -2.36
CA SER B 505 17.48 35.44 -2.49
C SER B 505 16.45 35.73 -1.40
N LEU B 506 15.70 34.72 -0.97
CA LEU B 506 14.64 34.90 0.01
C LEU B 506 14.76 33.84 1.09
N LEU B 507 14.78 34.27 2.35
CA LEU B 507 14.83 33.38 3.50
C LEU B 507 13.57 33.57 4.31
N LEU B 508 12.81 32.50 4.49
CA LEU B 508 11.61 32.50 5.32
C LEU B 508 11.90 31.74 6.61
N LEU B 509 11.25 32.11 7.70
CA LEU B 509 11.49 31.48 8.99
C LEU B 509 10.16 31.36 9.72
N ASP B 510 9.74 30.13 10.01
CA ASP B 510 8.48 29.85 10.68
C ASP B 510 8.81 29.28 12.06
N GLU B 511 8.92 30.19 13.03
CA GLU B 511 9.30 29.84 14.43
C GLU B 511 10.60 29.03 14.37
N PRO B 512 11.69 29.59 13.84
CA PRO B 512 12.97 28.87 13.70
C PRO B 512 13.56 28.44 15.04
N ALA B 513 13.19 29.12 16.13
CA ALA B 513 13.72 28.78 17.44
C ALA B 513 12.67 28.06 18.29
N ALA B 514 11.90 27.17 17.67
CA ALA B 514 10.87 26.44 18.39
C ALA B 514 11.49 25.39 19.29
N SER B 515 10.99 25.29 20.52
CA SER B 515 11.42 24.27 21.49
C SER B 515 12.90 24.40 21.83
N LEU B 516 13.38 25.64 21.91
CA LEU B 516 14.74 25.92 22.34
C LEU B 516 14.70 26.76 23.61
N ASP B 517 15.55 26.41 24.56
CA ASP B 517 15.58 27.12 25.84
C ASP B 517 16.09 28.54 25.64
N ALA B 518 16.15 29.30 26.74
CA ALA B 518 16.50 30.70 26.65
C ALA B 518 17.95 30.91 26.20
N HIS B 519 18.79 29.89 26.33
CA HIS B 519 20.20 30.04 25.96
C HIS B 519 20.47 29.56 24.54
N SER B 520 20.05 28.34 24.19
CA SER B 520 20.27 27.85 22.83
C SER B 520 19.51 28.69 21.83
N GLU B 521 18.40 29.32 22.23
CA GLU B 521 17.71 30.24 21.34
C GLU B 521 18.60 31.44 21.01
N GLN B 522 19.29 31.98 22.02
CA GLN B 522 20.18 33.11 21.78
C GLN B 522 21.29 32.75 20.80
N ARG B 523 21.84 31.54 20.92
CA ARG B 523 22.86 31.09 19.98
C ARG B 523 22.32 31.00 18.57
N VAL B 524 21.09 30.50 18.42
CA VAL B 524 20.49 30.37 17.10
C VAL B 524 20.12 31.75 16.54
N MET B 525 19.51 32.60 17.37
CA MET B 525 19.03 33.89 16.87
C MET B 525 20.17 34.79 16.42
N GLU B 526 21.35 34.70 17.05
CA GLU B 526 22.46 35.52 16.59
C GLU B 526 22.96 35.06 15.23
N ALA B 527 22.79 33.76 14.92
CA ALA B 527 23.10 33.28 13.59
C ALA B 527 22.05 33.71 12.57
N LEU B 528 20.77 33.65 12.96
CA LEU B 528 19.70 34.04 12.05
C LEU B 528 19.64 35.56 11.89
N ASN B 529 19.97 36.31 12.94
CA ASN B 529 20.03 37.77 12.81
C ASN B 529 21.11 38.17 11.82
N ALA B 530 22.26 37.47 11.85
CA ALA B 530 23.30 37.72 10.85
C ALA B 530 22.86 37.24 9.47
N ALA B 531 22.24 36.07 9.41
CA ALA B 531 21.81 35.52 8.13
C ALA B 531 20.60 36.26 7.55
N SER B 532 19.89 37.02 8.36
CA SER B 532 18.74 37.78 7.85
C SER B 532 19.15 39.08 7.18
N LEU B 533 20.41 39.51 7.33
CA LEU B 533 20.87 40.75 6.73
C LEU B 533 21.47 40.55 5.35
N ARG B 534 21.62 39.30 4.89
CA ARG B 534 22.24 39.03 3.61
C ARG B 534 21.25 39.00 2.45
N GLN B 535 19.96 38.92 2.73
CA GLN B 535 18.94 38.87 1.68
C GLN B 535 17.60 39.28 2.29
N THR B 536 16.55 39.22 1.46
CA THR B 536 15.22 39.49 1.96
C THR B 536 14.76 38.36 2.88
N THR B 537 14.25 38.72 4.05
CA THR B 537 13.92 37.74 5.07
C THR B 537 12.54 38.04 5.64
N LEU B 538 11.76 36.98 5.87
CA LEU B 538 10.46 37.07 6.53
C LEU B 538 10.41 35.98 7.60
N MET B 539 10.34 36.40 8.87
CA MET B 539 10.40 35.48 10.00
C MET B 539 9.08 35.52 10.77
N VAL B 540 8.53 34.35 11.05
CA VAL B 540 7.32 34.22 11.85
C VAL B 540 7.77 33.79 13.24
N THR B 541 7.74 34.72 14.19
CA THR B 541 8.23 34.46 15.53
C THR B 541 7.23 34.98 16.56
N HIS B 542 7.48 34.62 17.82
CA HIS B 542 6.66 35.11 18.93
C HIS B 542 7.48 35.79 20.02
N GLN B 543 8.81 35.77 19.93
CA GLN B 543 9.65 36.49 20.87
C GLN B 543 9.66 37.99 20.53
N LEU B 544 8.61 38.66 21.00
CA LEU B 544 8.39 40.07 20.70
C LEU B 544 9.48 40.96 21.27
N GLU B 545 10.17 40.50 22.31
CA GLU B 545 11.10 41.35 23.04
C GLU B 545 12.36 41.64 22.23
N ASP B 546 12.94 40.60 21.62
CA ASP B 546 14.28 40.73 21.04
C ASP B 546 14.29 41.64 19.82
N LEU B 547 13.25 41.55 18.99
CA LEU B 547 13.26 42.13 17.64
C LEU B 547 13.10 43.64 17.70
N ALA B 548 14.20 44.30 18.05
CA ALA B 548 14.27 45.75 18.09
C ALA B 548 14.98 46.36 16.89
N ASP B 549 15.42 45.54 15.93
CA ASP B 549 16.20 46.02 14.80
C ASP B 549 15.63 45.63 13.45
N TRP B 550 14.62 44.77 13.39
CA TRP B 550 14.07 44.34 12.11
C TRP B 550 13.34 45.50 11.44
N ASP B 551 13.39 45.52 10.11
CA ASP B 551 13.01 46.71 9.34
C ASP B 551 11.54 47.05 9.52
N VAL B 552 10.67 46.03 9.55
CA VAL B 552 9.23 46.27 9.70
C VAL B 552 8.60 45.07 10.39
N ILE B 553 7.50 45.32 11.08
CA ILE B 553 6.74 44.32 11.81
C ILE B 553 5.35 44.25 11.20
N TRP B 554 4.90 43.06 10.85
CA TRP B 554 3.54 42.86 10.37
C TRP B 554 2.75 42.10 11.43
N VAL B 555 1.83 42.80 12.10
CA VAL B 555 0.94 42.19 13.07
C VAL B 555 -0.28 41.68 12.30
N MET B 556 -0.44 40.37 12.24
CA MET B 556 -1.50 39.75 11.46
C MET B 556 -2.60 39.23 12.39
N GLN B 557 -3.84 39.58 12.07
CA GLN B 557 -4.99 39.17 12.86
C GLN B 557 -6.10 38.76 11.93
N ASP B 558 -6.57 37.51 12.06
CA ASP B 558 -7.65 36.98 11.24
C ASP B 558 -7.35 37.12 9.75
N GLY B 559 -6.11 36.83 9.37
CA GLY B 559 -5.72 36.82 7.98
C GLY B 559 -5.41 38.17 7.36
N ARG B 560 -5.41 39.24 8.13
CA ARG B 560 -5.14 40.57 7.63
C ARG B 560 -4.01 41.22 8.43
N ILE B 561 -3.12 41.92 7.73
CA ILE B 561 -2.04 42.65 8.37
C ILE B 561 -2.62 43.97 8.88
N ILE B 562 -2.97 44.00 10.17
CA ILE B 562 -3.68 45.14 10.74
C ILE B 562 -2.74 46.20 11.28
N GLU B 563 -1.43 45.96 11.31
CA GLU B 563 -0.49 46.93 11.84
C GLU B 563 0.89 46.63 11.27
N GLN B 564 1.45 47.57 10.51
CA GLN B 564 2.80 47.41 9.98
C GLN B 564 3.61 48.64 10.34
N GLY B 565 4.81 48.43 10.86
CA GLY B 565 5.68 49.52 11.27
C GLY B 565 6.92 48.98 11.95
N ARG B 566 7.79 49.90 12.36
CA ARG B 566 9.00 49.50 13.05
C ARG B 566 8.72 49.28 14.53
N TYR B 567 9.62 48.55 15.18
CA TYR B 567 9.40 48.14 16.56
C TYR B 567 9.39 49.34 17.51
N ALA B 568 10.10 50.40 17.14
CA ALA B 568 10.20 51.56 18.03
C ALA B 568 8.84 52.22 18.26
N GLU B 569 8.13 52.54 17.18
CA GLU B 569 6.86 53.25 17.33
C GLU B 569 5.75 52.30 17.76
N LEU B 570 5.76 51.07 17.25
CA LEU B 570 4.66 50.15 17.55
C LEU B 570 4.63 49.77 19.02
N SER B 571 5.80 49.64 19.65
CA SER B 571 5.86 49.28 21.06
C SER B 571 5.27 50.38 21.94
N VAL B 572 5.23 51.61 21.44
CA VAL B 572 4.73 52.74 22.22
C VAL B 572 3.44 53.33 21.67
N ALA B 573 3.02 52.93 20.48
CA ALA B 573 1.79 53.47 19.89
C ALA B 573 0.54 52.76 20.36
N GLY B 574 0.66 51.81 21.29
CA GLY B 574 -0.51 51.08 21.73
C GLY B 574 -1.02 50.16 20.63
N GLY B 575 -2.32 49.87 20.72
CA GLY B 575 -2.98 49.06 19.72
C GLY B 575 -2.66 47.58 19.85
N PRO B 576 -2.92 46.83 18.78
CA PRO B 576 -2.78 45.37 18.86
C PRO B 576 -1.40 44.89 19.27
N PHE B 577 -0.33 45.55 18.81
CA PHE B 577 1.01 45.05 19.13
C PHE B 577 1.35 45.23 20.60
N ALA B 578 1.09 46.43 21.14
CA ALA B 578 1.43 46.68 22.54
C ALA B 578 0.62 45.78 23.48
N THR B 579 -0.67 45.60 23.21
CA THR B 579 -1.48 44.69 24.01
C THR B 579 -0.99 43.26 23.87
N LEU B 580 -0.60 42.86 22.67
CA LEU B 580 -0.05 41.52 22.48
C LEU B 580 1.26 41.36 23.23
N LEU B 581 2.11 42.39 23.24
CA LEU B 581 3.32 42.36 24.03
C LEU B 581 3.04 42.48 25.53
N ALA B 582 1.89 43.05 25.90
CA ALA B 582 1.58 43.23 27.32
C ALA B 582 1.44 41.89 28.03
N HIS B 583 0.78 40.93 27.41
CA HIS B 583 0.66 39.61 28.02
C HIS B 583 2.02 38.91 28.10
N ARG B 584 2.94 39.28 27.23
CA ARG B 584 4.33 38.84 27.37
C ARG B 584 5.04 39.70 28.42
N GLN B 585 6.15 39.17 28.93
CA GLN B 585 6.98 39.87 29.90
C GLN B 585 6.17 40.20 31.17
N GLU B 586 5.74 39.15 31.85
CA GLU B 586 5.03 39.30 33.11
C GLU B 586 5.80 38.63 34.26
MG MG C . 11.69 16.77 24.34
PG ATP D . 14.16 19.01 24.07
O1G ATP D . 14.82 19.74 22.92
O2G ATP D . 14.24 19.74 25.37
O3G ATP D . 12.81 18.42 23.76
PB ATP D . 14.83 16.75 25.53
O1B ATP D . 13.44 16.24 25.38
O2B ATP D . 15.23 17.49 26.78
O3B ATP D . 15.10 17.73 24.28
PA ATP D . 15.29 14.03 25.20
O1A ATP D . 14.77 13.61 26.55
O2A ATP D . 14.36 13.98 24.01
O3A ATP D . 15.85 15.53 25.30
O5' ATP D . 16.59 13.14 24.88
C5' ATP D . 17.89 13.57 25.28
C4' ATP D . 18.92 12.79 24.50
O4' ATP D . 18.43 11.49 24.19
C3' ATP D . 19.22 13.47 23.18
O3' ATP D . 20.58 13.90 23.15
C2' ATP D . 19.01 12.42 22.11
O2' ATP D . 20.15 12.32 21.26
C1' ATP D . 18.79 11.12 22.86
N9 ATP D . 17.72 10.32 22.22
C8 ATP D . 16.45 10.71 22.05
N7 ATP D . 15.73 9.74 21.43
C5 ATP D . 16.56 8.70 21.20
C6 ATP D . 16.44 7.36 20.58
N6 ATP D . 15.28 6.92 20.07
N1 ATP D . 17.56 6.59 20.54
C2 ATP D . 18.72 7.01 21.04
N3 ATP D . 18.89 8.22 21.62
C4 ATP D . 17.87 9.09 21.72
MG MG E . 1.88 28.00 11.51
PG ATP F . 0.13 29.18 14.16
O1G ATP F . 0.59 30.54 14.66
O2G ATP F . -0.57 28.34 15.19
O3G ATP F . 1.16 28.45 13.34
PB ATP F . -0.75 30.50 11.86
O1B ATP F . -0.79 31.91 12.37
O2B ATP F . 0.48 29.99 11.15
O3B ATP F . -1.04 29.53 13.10
PA ATP F . -1.94 29.28 9.65
O1A ATP F . -1.39 30.02 8.47
O2A ATP F . -1.26 28.01 10.12
O3A ATP F . -2.03 30.28 10.90
O5' ATP F . -3.49 28.95 9.34
C5' ATP F . -4.52 29.76 9.90
C4' ATP F . -5.85 29.03 9.76
O4' ATP F . -5.90 28.34 8.52
C3' ATP F . -6.02 27.99 10.86
O3' ATP F . -7.13 28.34 11.67
C2' ATP F . -6.30 26.69 10.14
O2' ATP F . -7.46 26.07 10.69
C1' ATP F . -6.53 27.07 8.70
N9 ATP F . -5.97 26.05 7.80
C8 ATP F . -4.66 25.75 7.66
N7 ATP F . -4.49 24.75 6.75
C5 ATP F . -5.70 24.39 6.30
C6 ATP F . -6.25 23.41 5.35
N6 ATP F . -5.44 22.58 4.66
N1 ATP F . -7.59 23.37 5.17
C2 ATP F . -8.42 24.19 5.84
N3 ATP F . -7.99 25.10 6.73
C4 ATP F . -6.67 25.25 7.00
#